data_2E9T
#
_entry.id   2E9T
#
_cell.length_a   95.597
_cell.length_b   95.597
_cell.length_c   201.155
_cell.angle_alpha   90.00
_cell.angle_beta   90.00
_cell.angle_gamma   120.00
#
_symmetry.space_group_name_H-M   'P 31 2 1'
#
loop_
_entity.id
_entity.type
_entity.pdbx_description
1 polymer "5'-R(P*UP*AP*GP*GP*GP*CP*CP*C)-3'"
2 polymer "5'-R(*GP*GP*GP*CP*CP*CP*(5FU))-3'"
3 polymer 'RNA-dependent RNA polymerase'
4 non-polymer 'MAGNESIUM ION'
5 non-polymer PYROPHOSPHATE
6 water water
#
loop_
_entity_poly.entity_id
_entity_poly.type
_entity_poly.pdbx_seq_one_letter_code
_entity_poly.pdbx_strand_id
1 'polyribonucleotide' UAGGGCCC B,E
2 'polyribonucleotide' GGGCCC(5FU) C,F
3 'polypeptide(L)'
;GLIVDTRDVEERVHVMRKTKLAPTVAHGVFNPEFGPAALSNKDPRLNEGVVLDEVIFSKHKGDTKMSAEDKALFRRCAAD
YASRLHSVLGTANAPLSIYEAIKGVDGLDAMEPDTAPGLPWALQGKRRGALIDFENGTVGPEVEAALKLMEKREYKFACQ
TFLKDEIRPMEKVRAGKTRIVDVLPVEHILYTRMMIGRFCAQMHSNNGPQIGSAVGCNPDVDWQRFGTHFAQYRNVWDVD
YSAFDANHCSDAMNIMFEEVFRTEFGFHPNAEWILKTLVNTEHAYENKRITVEGGMPSGCSATSIINTILNNIYVLYALR
RHYEGVELDTYTMISYGDDIVVASDYDLDFEALKPHFKSLGQTITPADKSDKGFVLGHSITDVTFLKRHFHMDYGTGFYK
PVMASKTLEAILSFARRGTIQEKLISVAGLAVHSGPDEYRRLFEPFQGLFEIPSYRSLYLRWVNAVCGDAAALEHH
;
A,D
#
# COMPACT_ATOMS: atom_id res chain seq x y z
N GLY E 1 37.21 3.59 3.40
CA GLY E 1 37.39 4.38 2.16
C GLY E 1 38.75 5.09 2.08
N LEU E 2 38.86 6.02 1.14
CA LEU E 2 40.08 6.76 0.99
C LEU E 2 39.78 8.20 1.29
N ILE E 3 40.52 8.77 2.23
CA ILE E 3 40.37 10.17 2.54
C ILE E 3 41.23 10.96 1.57
N VAL E 4 40.60 11.61 0.60
CA VAL E 4 41.32 12.33 -0.44
C VAL E 4 41.52 13.80 -0.07
N ASP E 5 40.71 14.27 0.89
CA ASP E 5 40.74 15.67 1.33
C ASP E 5 40.21 15.84 2.77
N THR E 6 40.98 16.57 3.59
CA THR E 6 40.56 17.01 4.92
C THR E 6 40.83 18.51 5.03
N ARG E 7 39.78 19.29 5.27
CA ARG E 7 39.93 20.74 5.33
C ARG E 7 39.06 21.42 6.41
N ASP E 8 39.55 22.55 6.90
CA ASP E 8 38.83 23.35 7.89
C ASP E 8 38.02 24.49 7.31
N VAL E 9 36.72 24.44 7.52
CA VAL E 9 35.85 25.58 7.26
C VAL E 9 35.24 25.99 8.61
N GLU E 10 35.02 27.29 8.78
CA GLU E 10 34.66 27.88 10.08
C GLU E 10 33.42 27.31 10.78
N GLU E 11 32.36 27.03 10.02
CA GLU E 11 31.08 26.58 10.62
C GLU E 11 31.09 25.21 11.34
N ARG E 12 31.29 25.25 12.67
CA ARG E 12 31.37 24.06 13.55
C ARG E 12 30.12 23.16 13.53
N VAL E 13 30.27 21.91 13.10
CA VAL E 13 29.20 20.92 13.25
C VAL E 13 29.28 20.34 14.67
N HIS E 14 28.25 20.64 15.47
CA HIS E 14 28.26 20.36 16.90
C HIS E 14 27.74 18.95 17.20
N VAL E 15 28.58 18.11 17.83
CA VAL E 15 28.21 16.70 18.07
C VAL E 15 28.50 16.12 19.49
N MET E 16 29.79 16.07 19.86
CA MET E 16 30.27 15.44 21.10
C MET E 16 29.41 15.78 22.32
N ARG E 17 29.14 14.78 23.16
CA ARG E 17 28.58 15.08 24.49
C ARG E 17 29.26 14.31 25.63
N LYS E 18 28.54 14.25 26.75
CA LYS E 18 28.75 13.23 27.75
C LYS E 18 27.86 12.08 27.32
N THR E 19 28.21 10.86 27.72
CA THR E 19 27.31 9.72 27.47
C THR E 19 25.98 9.85 28.23
N LYS E 20 24.96 9.16 27.71
CA LYS E 20 23.67 9.13 28.41
C LYS E 20 23.51 7.84 29.22
N LEU E 21 24.52 6.99 29.12
CA LEU E 21 24.52 5.71 29.79
C LEU E 21 25.11 5.81 31.16
N ALA E 22 24.27 5.54 32.15
CA ALA E 22 24.68 5.49 33.54
C ALA E 22 24.71 4.02 33.93
N PRO E 23 25.56 3.63 34.89
CA PRO E 23 25.54 2.23 35.31
C PRO E 23 24.28 1.91 36.12
N THR E 24 23.89 0.64 36.14
CA THR E 24 22.80 0.19 36.99
C THR E 24 23.33 -0.49 38.24
N VAL E 25 22.40 -1.04 39.02
CA VAL E 25 22.76 -1.80 40.20
C VAL E 25 23.60 -3.02 39.83
N ALA E 26 23.33 -3.58 38.66
CA ALA E 26 24.00 -4.79 38.22
C ALA E 26 25.48 -4.62 37.89
N HIS E 27 25.90 -3.38 37.63
CA HIS E 27 27.29 -3.13 37.27
C HIS E 27 28.18 -3.55 38.42
N GLY E 28 27.87 -3.06 39.62
CA GLY E 28 28.58 -3.45 40.84
C GLY E 28 28.65 -4.97 40.92
N VAL E 29 27.57 -5.63 40.51
CA VAL E 29 27.46 -7.07 40.67
C VAL E 29 28.19 -7.80 39.57
N PHE E 30 28.04 -7.37 38.33
CA PHE E 30 28.64 -8.12 37.22
C PHE E 30 30.08 -7.70 36.86
N ASN E 31 30.43 -6.46 37.18
CA ASN E 31 31.75 -5.90 36.83
C ASN E 31 32.19 -6.27 35.43
N PRO E 32 31.44 -5.82 34.42
CA PRO E 32 31.75 -6.25 33.06
C PRO E 32 32.99 -5.58 32.50
N GLU E 33 33.68 -6.28 31.61
CA GLU E 33 34.79 -5.73 30.86
C GLU E 33 34.23 -4.84 29.74
N PHE E 34 33.31 -3.97 30.09
CA PHE E 34 32.60 -3.12 29.14
C PHE E 34 32.27 -1.78 29.76
N GLY E 35 32.11 -0.77 28.92
CA GLY E 35 31.79 0.56 29.39
C GLY E 35 31.41 1.46 28.24
N PRO E 36 30.89 2.66 28.54
CA PRO E 36 30.48 3.49 27.41
C PRO E 36 31.69 3.99 26.64
N ALA E 37 31.52 4.12 25.32
CA ALA E 37 32.57 4.61 24.44
C ALA E 37 32.96 6.04 24.79
N ALA E 38 34.22 6.36 24.56
CA ALA E 38 34.69 7.72 24.75
C ALA E 38 34.05 8.63 23.71
N LEU E 39 33.48 9.73 24.18
CA LEU E 39 32.87 10.74 23.31
C LEU E 39 33.64 12.06 23.36
N SER E 40 34.53 12.20 24.34
CA SER E 40 35.37 13.39 24.49
C SER E 40 36.82 13.05 24.23
N ASN E 41 37.48 13.95 23.51
CA ASN E 41 38.90 13.83 23.17
C ASN E 41 39.89 13.82 24.35
N LYS E 42 39.37 14.08 25.56
CA LYS E 42 40.16 14.09 26.81
C LYS E 42 39.62 13.14 27.87
N ASP E 43 38.63 12.34 27.51
CA ASP E 43 38.11 11.28 28.38
C ASP E 43 39.28 10.62 29.15
N PRO E 44 39.19 10.62 30.48
CA PRO E 44 40.29 10.11 31.31
C PRO E 44 40.54 8.63 31.12
N ARG E 45 39.56 7.89 30.61
CA ARG E 45 39.72 6.45 30.45
C ARG E 45 40.52 6.10 29.19
N LEU E 46 40.75 7.09 28.34
CA LEU E 46 41.53 6.90 27.11
C LEU E 46 42.97 6.64 27.46
N ASN E 47 43.59 5.73 26.73
CA ASN E 47 45.03 5.48 26.84
C ASN E 47 45.89 6.72 26.61
N GLU E 48 47.05 6.76 27.27
CA GLU E 48 47.99 7.85 27.11
C GLU E 48 48.44 7.97 25.64
N GLY E 49 48.14 9.14 25.06
CA GLY E 49 48.54 9.46 23.68
C GLY E 49 47.61 8.95 22.59
N VAL E 50 46.30 9.04 22.83
CA VAL E 50 45.33 8.66 21.85
C VAL E 50 44.60 9.93 21.42
N VAL E 51 44.37 10.08 20.12
CA VAL E 51 43.58 11.20 19.62
C VAL E 51 42.28 10.65 19.06
N LEU E 52 41.17 11.08 19.65
CA LEU E 52 39.88 10.54 19.29
C LEU E 52 39.56 10.90 17.83
N ASP E 53 39.62 12.20 17.55
CA ASP E 53 39.41 12.74 16.18
C ASP E 53 40.16 11.93 15.12
N GLU E 54 41.27 11.32 15.55
CA GLU E 54 42.10 10.44 14.71
C GLU E 54 41.45 9.09 14.52
N VAL E 55 41.45 8.30 15.61
CA VAL E 55 41.00 6.91 15.60
C VAL E 55 39.60 6.72 15.01
N ILE E 56 38.71 7.65 15.34
CA ILE E 56 37.39 7.71 14.77
C ILE E 56 37.42 7.45 13.26
N PHE E 57 38.42 8.02 12.59
CA PHE E 57 38.49 7.97 11.13
C PHE E 57 39.52 6.98 10.59
N SER E 58 40.22 6.28 11.48
CA SER E 58 41.28 5.35 11.09
C SER E 58 40.78 4.15 10.26
N LYS E 59 39.47 3.96 10.19
CA LYS E 59 38.92 2.88 9.36
C LYS E 59 39.11 3.15 7.86
N HIS E 60 39.21 4.42 7.47
CA HIS E 60 39.45 4.77 6.07
C HIS E 60 40.88 4.60 5.69
N LYS E 61 41.25 3.35 5.38
CA LYS E 61 42.61 2.98 5.05
C LYS E 61 42.82 2.86 3.54
N GLY E 62 41.91 3.43 2.75
CA GLY E 62 42.01 3.36 1.30
C GLY E 62 40.77 2.82 0.63
N ASP E 63 40.75 2.99 -0.70
CA ASP E 63 39.71 2.51 -1.60
C ASP E 63 40.44 1.62 -2.60
N THR E 64 40.31 0.30 -2.43
CA THR E 64 40.97 -0.65 -3.32
C THR E 64 40.45 -0.54 -4.75
N LYS E 65 41.37 -0.42 -5.69
CA LYS E 65 41.02 -0.42 -7.09
C LYS E 65 41.13 -1.83 -7.68
N MET E 66 40.18 -2.17 -8.55
CA MET E 66 40.15 -3.49 -9.19
C MET E 66 40.49 -3.44 -10.67
N SER E 67 41.14 -4.50 -11.14
CA SER E 67 41.50 -4.69 -12.56
C SER E 67 40.27 -5.00 -13.41
N ALA E 68 40.35 -4.68 -14.70
CA ALA E 68 39.29 -5.05 -15.64
C ALA E 68 38.87 -6.51 -15.53
N GLU E 69 39.83 -7.42 -15.39
CA GLU E 69 39.56 -8.84 -15.23
C GLU E 69 38.73 -9.08 -13.99
N ASP E 70 39.14 -8.50 -12.86
CA ASP E 70 38.41 -8.66 -11.58
C ASP E 70 37.07 -7.96 -11.65
N LYS E 71 37.00 -6.82 -12.33
CA LYS E 71 35.75 -6.06 -12.47
C LYS E 71 34.69 -6.85 -13.22
N ALA E 72 35.09 -7.42 -14.36
CA ALA E 72 34.23 -8.27 -15.17
C ALA E 72 33.68 -9.48 -14.40
N LEU E 73 34.54 -10.17 -13.65
CA LEU E 73 34.12 -11.32 -12.84
C LEU E 73 33.13 -10.91 -11.74
N PHE E 74 33.43 -9.80 -11.06
CA PHE E 74 32.52 -9.28 -10.03
C PHE E 74 31.18 -8.93 -10.69
N ARG E 75 31.21 -8.42 -11.92
CA ARG E 75 30.00 -8.06 -12.62
C ARG E 75 29.11 -9.26 -12.91
N ARG E 76 29.71 -10.34 -13.43
CA ARG E 76 29.06 -11.63 -13.58
C ARG E 76 28.52 -12.15 -12.26
N CYS E 77 29.25 -11.95 -11.17
CA CYS E 77 28.78 -12.42 -9.88
C CYS E 77 27.59 -11.61 -9.38
N ALA E 78 27.65 -10.31 -9.62
CA ALA E 78 26.57 -9.44 -9.24
C ALA E 78 25.38 -9.74 -10.16
N ALA E 79 25.64 -10.02 -11.42
CA ALA E 79 24.56 -10.31 -12.33
C ALA E 79 23.94 -11.63 -11.98
N ASP E 80 24.76 -12.60 -11.55
CA ASP E 80 24.22 -13.91 -11.19
C ASP E 80 23.33 -13.86 -9.94
N TYR E 81 23.79 -13.15 -8.92
CA TYR E 81 23.04 -13.04 -7.70
C TYR E 81 21.73 -12.24 -7.86
N ALA E 82 21.81 -11.07 -8.47
CA ALA E 82 20.64 -10.32 -8.90
C ALA E 82 19.62 -11.27 -9.55
N SER E 83 20.12 -12.14 -10.44
CA SER E 83 19.23 -13.04 -11.14
C SER E 83 18.51 -14.01 -10.20
N ARG E 84 19.21 -14.58 -9.22
CA ARG E 84 18.62 -15.38 -8.16
C ARG E 84 17.68 -14.57 -7.27
N LEU E 85 18.02 -13.32 -7.04
CA LEU E 85 17.31 -12.50 -6.10
C LEU E 85 15.97 -12.10 -6.68
N HIS E 86 15.98 -11.66 -7.93
CA HIS E 86 14.77 -11.19 -8.53
C HIS E 86 13.83 -12.30 -9.00
N SER E 87 14.40 -13.45 -9.36
CA SER E 87 13.56 -14.62 -9.59
C SER E 87 12.74 -14.97 -8.35
N VAL E 88 13.28 -14.74 -7.15
CA VAL E 88 12.53 -15.03 -5.92
C VAL E 88 11.54 -13.93 -5.50
N LEU E 89 11.96 -12.66 -5.59
CA LEU E 89 11.18 -11.54 -5.12
C LEU E 89 10.14 -11.09 -6.11
N GLY E 90 10.29 -11.51 -7.35
CA GLY E 90 9.57 -10.91 -8.50
C GLY E 90 10.23 -9.62 -9.02
N THR E 91 9.59 -8.95 -9.96
CA THR E 91 10.16 -7.69 -10.47
C THR E 91 9.17 -6.53 -10.27
N ALA E 92 8.45 -6.58 -9.17
CA ALA E 92 7.53 -5.53 -8.81
C ALA E 92 8.30 -4.50 -7.96
N ASN E 93 9.13 -3.74 -8.66
CA ASN E 93 10.03 -2.81 -8.03
C ASN E 93 9.81 -1.33 -8.33
N ALA E 94 8.62 -1.03 -8.86
CA ALA E 94 8.18 0.33 -9.15
C ALA E 94 8.41 1.30 -7.99
N PRO E 95 8.70 2.57 -8.31
CA PRO E 95 8.90 3.61 -7.31
C PRO E 95 7.72 3.72 -6.38
N LEU E 96 8.00 4.24 -5.21
CA LEU E 96 7.03 4.42 -4.16
C LEU E 96 6.58 5.83 -4.28
N SER E 97 5.31 6.09 -4.00
CA SER E 97 4.84 7.48 -3.87
C SER E 97 5.52 8.11 -2.66
N ILE E 98 5.56 9.45 -2.63
CA ILE E 98 6.01 10.21 -1.45
C ILE E 98 5.31 9.64 -0.22
N TYR E 99 3.98 9.48 -0.33
CA TYR E 99 3.16 8.90 0.72
C TYR E 99 3.72 7.56 1.18
N GLU E 100 3.84 6.63 0.24
CA GLU E 100 4.30 5.29 0.49
C GLU E 100 5.66 5.36 1.18
N ALA E 101 6.59 6.14 0.61
CA ALA E 101 7.96 6.23 1.16
C ALA E 101 7.97 6.66 2.62
N ILE E 102 7.03 7.51 2.96
CA ILE E 102 6.90 8.08 4.29
C ILE E 102 6.21 7.12 5.28
N LYS E 103 5.04 6.60 4.89
CA LYS E 103 4.21 5.76 5.76
C LYS E 103 4.59 4.29 5.73
N GLY E 104 5.38 3.90 4.74
CA GLY E 104 5.78 2.52 4.61
C GLY E 104 4.76 1.77 3.81
N VAL E 105 5.04 0.51 3.54
CA VAL E 105 4.13 -0.38 2.88
C VAL E 105 4.32 -1.73 3.55
N ASP E 106 3.36 -2.60 3.36
CA ASP E 106 3.50 -4.00 3.68
C ASP E 106 4.97 -4.50 3.61
N GLY E 107 5.65 -4.47 4.74
CA GLY E 107 7.00 -5.01 4.85
C GLY E 107 8.10 -4.01 5.12
N LEU E 108 7.74 -2.72 5.21
CA LEU E 108 8.71 -1.66 5.36
C LEU E 108 8.14 -0.63 6.34
N ASP E 109 8.74 -0.47 7.51
CA ASP E 109 8.24 0.47 8.50
C ASP E 109 8.18 1.89 7.97
N ALA E 110 7.41 2.73 8.66
CA ALA E 110 7.31 4.14 8.34
C ALA E 110 8.68 4.79 8.55
N MET E 111 8.96 5.90 7.88
CA MET E 111 10.15 6.67 8.24
C MET E 111 10.01 7.14 9.68
N GLU E 112 11.13 7.36 10.36
CA GLU E 112 11.12 7.76 11.75
C GLU E 112 10.83 9.23 11.87
N PRO E 113 9.73 9.58 12.54
CA PRO E 113 9.29 10.99 12.62
C PRO E 113 10.29 11.96 13.31
N ASP E 114 11.10 11.49 14.25
CA ASP E 114 11.84 12.47 15.07
C ASP E 114 13.31 12.13 15.32
N THR E 115 13.92 11.38 14.39
CA THR E 115 15.37 11.17 14.41
C THR E 115 16.04 12.33 13.72
N ALA E 116 17.37 12.35 13.75
CA ALA E 116 18.20 13.34 13.07
C ALA E 116 17.77 13.68 11.63
N PRO E 117 17.64 14.97 11.29
CA PRO E 117 17.22 15.27 9.92
C PRO E 117 18.40 15.39 8.92
N GLY E 118 19.63 15.47 9.43
CA GLY E 118 20.81 15.59 8.57
C GLY E 118 21.20 17.03 8.32
N LEU E 119 21.99 17.23 7.27
CA LEU E 119 22.46 18.55 6.88
C LEU E 119 21.77 19.05 5.61
N PRO E 120 21.62 20.39 5.48
CA PRO E 120 21.95 21.43 6.46
C PRO E 120 20.85 21.72 7.50
N TRP E 121 19.79 20.93 7.53
CA TRP E 121 18.70 21.19 8.46
C TRP E 121 19.11 21.25 9.95
N ALA E 122 20.17 20.55 10.31
CA ALA E 122 20.64 20.53 11.70
C ALA E 122 21.21 21.89 12.11
N LEU E 123 21.88 22.54 11.17
CA LEU E 123 22.44 23.88 11.36
C LEU E 123 21.43 25.03 11.32
N GLN E 124 20.15 24.72 11.17
CA GLN E 124 19.08 25.74 11.18
C GLN E 124 18.10 25.41 12.29
N GLY E 125 18.52 24.57 13.23
CA GLY E 125 17.65 23.97 14.26
C GLY E 125 16.34 23.37 13.78
N LYS E 126 16.22 23.10 12.48
CA LYS E 126 14.96 22.50 12.03
C LYS E 126 15.01 21.03 12.43
N ARG E 127 13.83 20.45 12.70
CA ARG E 127 13.71 19.03 13.05
C ARG E 127 12.97 18.37 11.89
N ARG E 128 13.00 17.05 11.83
CA ARG E 128 12.47 16.32 10.71
C ARG E 128 11.00 16.70 10.45
N GLY E 129 10.23 16.88 11.52
CA GLY E 129 8.81 17.21 11.39
C GLY E 129 8.55 18.64 10.93
N ALA E 130 9.56 19.51 11.00
CA ALA E 130 9.45 20.85 10.42
C ALA E 130 9.43 20.79 8.88
N LEU E 131 9.82 19.62 8.35
CA LEU E 131 10.08 19.51 6.92
C LEU E 131 9.14 18.55 6.25
N ILE E 132 8.58 17.64 7.03
CA ILE E 132 7.77 16.55 6.50
C ILE E 132 6.62 16.31 7.44
N ASP E 133 5.46 16.00 6.88
CA ASP E 133 4.32 15.67 7.67
C ASP E 133 4.19 14.15 7.65
N PHE E 134 4.49 13.53 8.80
CA PHE E 134 4.47 12.06 8.96
C PHE E 134 3.08 11.50 9.29
N GLU E 135 2.18 12.33 9.78
CA GLU E 135 0.80 11.85 9.91
C GLU E 135 0.18 11.67 8.54
N ASN E 136 0.41 12.63 7.66
CA ASN E 136 -0.24 12.68 6.35
C ASN E 136 0.57 12.17 5.14
N GLY E 137 1.90 12.07 5.26
CA GLY E 137 2.74 11.54 4.18
C GLY E 137 2.97 12.48 3.01
N THR E 138 3.28 13.74 3.36
CA THR E 138 3.50 14.81 2.40
C THR E 138 4.71 15.57 2.85
N VAL E 139 5.34 16.27 1.91
CA VAL E 139 6.59 16.96 2.14
C VAL E 139 6.45 18.47 2.06
N GLY E 140 7.19 19.16 2.91
CA GLY E 140 7.21 20.61 2.90
C GLY E 140 7.97 21.06 1.67
N PRO E 141 8.02 22.39 1.44
CA PRO E 141 8.55 22.90 0.18
C PRO E 141 10.06 22.77 0.03
N GLU E 142 10.80 22.78 1.15
CA GLU E 142 12.26 22.59 1.12
C GLU E 142 12.69 21.19 0.66
N VAL E 143 11.82 20.20 0.87
CA VAL E 143 12.12 18.83 0.50
C VAL E 143 11.64 18.60 -0.93
N GLU E 144 10.47 19.14 -1.25
CA GLU E 144 9.92 19.06 -2.61
C GLU E 144 10.91 19.62 -3.63
N ALA E 145 11.54 20.73 -3.28
CA ALA E 145 12.51 21.32 -4.18
C ALA E 145 13.73 20.42 -4.30
N ALA E 146 14.11 19.78 -3.20
CA ALA E 146 15.27 18.87 -3.19
C ALA E 146 14.98 17.67 -4.05
N LEU E 147 13.78 17.12 -3.87
CA LEU E 147 13.31 16.03 -4.73
C LEU E 147 13.56 16.38 -6.17
N LYS E 148 13.23 17.63 -6.48
CA LYS E 148 13.21 18.08 -7.84
C LYS E 148 14.63 18.07 -8.39
N LEU E 149 15.59 18.47 -7.56
CA LEU E 149 17.01 18.40 -7.93
C LEU E 149 17.52 16.95 -8.01
N MET E 150 16.75 16.03 -7.42
CA MET E 150 17.11 14.63 -7.47
C MET E 150 16.53 13.98 -8.74
N GLU E 151 15.27 14.31 -9.09
CA GLU E 151 14.69 13.80 -10.34
C GLU E 151 15.57 14.30 -11.48
N LYS E 152 16.16 15.49 -11.29
CA LYS E 152 17.10 16.11 -12.24
C LYS E 152 18.56 15.64 -12.12
N ARG E 153 18.85 14.76 -11.15
CA ARG E 153 20.22 14.27 -10.88
C ARG E 153 21.27 15.38 -10.63
N GLU E 154 20.88 16.44 -9.92
CA GLU E 154 21.79 17.56 -9.63
C GLU E 154 21.96 17.77 -8.11
N TYR E 155 21.22 16.99 -7.32
CA TYR E 155 21.26 17.11 -5.87
C TYR E 155 22.62 16.78 -5.32
N LYS E 156 23.09 17.59 -4.39
CA LYS E 156 24.35 17.38 -3.69
C LYS E 156 24.09 17.41 -2.18
N PHE E 157 24.94 16.74 -1.42
CA PHE E 157 24.75 16.67 0.01
C PHE E 157 26.03 16.40 0.79
N ALA E 158 25.92 16.56 2.11
CA ALA E 158 26.97 16.19 3.03
C ALA E 158 26.41 15.26 4.11
N CYS E 159 27.27 14.36 4.58
CA CYS E 159 26.96 13.47 5.68
C CYS E 159 27.34 14.13 7.00
N GLN E 160 26.50 13.93 8.01
CA GLN E 160 26.74 14.45 9.34
C GLN E 160 27.28 13.34 10.20
N THR E 161 28.49 13.51 10.70
CA THR E 161 29.12 12.54 11.57
C THR E 161 28.65 12.66 13.01
N PHE E 162 28.03 11.60 13.53
CA PHE E 162 27.71 11.48 14.95
C PHE E 162 28.57 10.39 15.58
N LEU E 163 29.07 10.63 16.78
CA LEU E 163 29.67 9.55 17.58
C LEU E 163 28.58 8.63 18.12
N LYS E 164 28.83 7.34 18.11
CA LYS E 164 27.81 6.44 18.60
C LYS E 164 27.92 6.27 20.09
N ASP E 165 26.85 6.63 20.78
CA ASP E 165 26.80 6.48 22.21
C ASP E 165 26.32 5.08 22.55
N GLU E 166 27.23 4.24 23.01
CA GLU E 166 26.94 2.83 23.20
C GLU E 166 27.99 2.17 24.08
N ILE E 167 27.65 0.98 24.57
CA ILE E 167 28.55 0.18 25.36
C ILE E 167 29.57 -0.52 24.49
N ARG E 168 30.81 -0.63 24.99
CA ARG E 168 31.89 -1.23 24.24
C ARG E 168 32.78 -2.05 25.13
N PRO E 169 33.55 -3.01 24.53
CA PRO E 169 34.67 -3.60 25.27
C PRO E 169 35.59 -2.52 25.83
N MET E 170 36.05 -2.73 27.06
CA MET E 170 36.95 -1.80 27.70
C MET E 170 38.21 -1.60 26.87
N GLU E 171 38.75 -2.70 26.36
CA GLU E 171 39.93 -2.62 25.53
C GLU E 171 39.72 -1.56 24.43
N LYS E 172 38.60 -1.68 23.73
CA LYS E 172 38.31 -0.80 22.62
C LYS E 172 37.97 0.62 23.02
N VAL E 173 37.34 0.78 24.19
CA VAL E 173 37.06 2.10 24.76
C VAL E 173 38.40 2.77 25.06
N ARG E 174 39.30 2.02 25.68
CA ARG E 174 40.57 2.58 26.09
C ARG E 174 41.44 2.92 24.87
N ALA E 175 41.08 2.34 23.72
CA ALA E 175 41.78 2.59 22.46
C ALA E 175 41.23 3.76 21.66
N GLY E 176 40.02 4.21 21.98
CA GLY E 176 39.41 5.30 21.24
C GLY E 176 38.63 4.81 20.05
N LYS E 177 38.26 3.54 20.07
CA LYS E 177 37.52 2.94 18.97
C LYS E 177 36.00 3.15 19.13
N THR E 178 35.62 4.42 19.20
CA THR E 178 34.25 4.86 19.17
C THR E 178 33.80 4.78 17.73
N ARG E 179 32.59 4.30 17.50
CA ARG E 179 32.10 4.12 16.14
C ARG E 179 31.39 5.38 15.76
N ILE E 180 31.22 5.60 14.46
CA ILE E 180 30.55 6.80 14.00
C ILE E 180 29.34 6.49 13.14
N VAL E 181 28.34 7.37 13.21
CA VAL E 181 27.15 7.22 12.39
C VAL E 181 27.16 8.32 11.34
N ASP E 182 26.94 7.93 10.09
CA ASP E 182 26.96 8.88 8.95
C ASP E 182 25.54 9.30 8.56
N VAL E 183 25.03 10.35 9.20
CA VAL E 183 23.65 10.78 9.02
C VAL E 183 23.46 11.58 7.75
N LEU E 184 22.61 11.05 6.87
CA LEU E 184 22.29 11.68 5.60
C LEU E 184 21.06 12.56 5.66
N PRO E 185 20.92 13.47 4.68
CA PRO E 185 19.79 14.37 4.70
C PRO E 185 18.54 13.57 4.50
N VAL E 186 17.51 13.95 5.24
CA VAL E 186 16.28 13.22 5.27
C VAL E 186 15.56 13.16 3.92
N GLU E 187 15.89 14.06 3.00
CA GLU E 187 15.34 13.96 1.64
C GLU E 187 16.03 12.86 0.84
N HIS E 188 17.32 12.63 1.10
CA HIS E 188 18.05 11.55 0.45
C HIS E 188 17.48 10.19 0.87
N ILE E 189 17.19 10.05 2.15
CA ILE E 189 16.58 8.84 2.64
C ILE E 189 15.22 8.65 2.01
N LEU E 190 14.37 9.69 2.05
CA LEU E 190 13.04 9.63 1.47
C LEU E 190 13.05 9.17 0.00
N TYR E 191 13.92 9.79 -0.80
CA TYR E 191 14.03 9.48 -2.22
C TYR E 191 14.57 8.08 -2.52
N THR E 192 15.59 7.65 -1.79
CA THR E 192 16.08 6.27 -1.91
C THR E 192 14.96 5.26 -1.66
N ARG E 193 14.17 5.49 -0.60
CA ARG E 193 12.99 4.67 -0.32
C ARG E 193 12.00 4.74 -1.48
N MET E 194 11.81 5.94 -2.05
CA MET E 194 10.97 6.06 -3.23
C MET E 194 11.52 5.17 -4.36
N MET E 195 12.85 5.12 -4.48
CA MET E 195 13.53 4.41 -5.55
C MET E 195 13.63 2.92 -5.32
N ILE E 196 13.85 2.49 -4.08
CA ILE E 196 14.09 1.05 -3.83
C ILE E 196 13.34 0.44 -2.62
N GLY E 197 12.51 1.25 -1.98
CA GLY E 197 11.66 0.77 -0.89
C GLY E 197 10.76 -0.41 -1.22
N ARG E 198 10.19 -0.48 -2.40
CA ARG E 198 9.31 -1.60 -2.65
C ARG E 198 10.11 -2.89 -2.63
N PHE E 199 11.20 -2.91 -3.41
CA PHE E 199 12.26 -3.95 -3.31
C PHE E 199 12.68 -4.28 -1.87
N CYS E 200 13.01 -3.27 -1.09
CA CYS E 200 13.40 -3.52 0.28
C CYS E 200 12.32 -4.27 1.04
N ALA E 201 11.06 -3.90 0.76
CA ALA E 201 9.92 -4.49 1.44
C ALA E 201 9.87 -5.97 1.09
N GLN E 202 10.18 -6.25 -0.15
CA GLN E 202 10.14 -7.61 -0.62
C GLN E 202 11.28 -8.48 -0.06
N MET E 203 12.40 -7.82 0.18
CA MET E 203 13.54 -8.43 0.77
C MET E 203 13.18 -8.84 2.16
N HIS E 204 12.63 -7.93 2.96
CA HIS E 204 12.32 -8.23 4.34
C HIS E 204 11.39 -9.46 4.42
N SER E 205 10.37 -9.50 3.56
CA SER E 205 9.31 -10.54 3.59
C SER E 205 9.80 -11.89 3.11
N ASN E 206 10.88 -11.88 2.33
CA ASN E 206 11.47 -13.09 1.83
C ASN E 206 12.82 -13.44 2.48
N ASN E 207 13.07 -12.91 3.66
CA ASN E 207 14.34 -13.14 4.29
C ASN E 207 14.53 -14.64 4.44
N GLY E 208 15.76 -15.12 4.30
CA GLY E 208 16.06 -16.54 4.38
C GLY E 208 17.30 -16.91 3.58
N PRO E 209 17.75 -18.18 3.69
CA PRO E 209 18.99 -18.51 2.98
C PRO E 209 18.82 -18.46 1.47
N GLN E 210 17.61 -18.69 0.98
CA GLN E 210 17.37 -18.72 -0.47
C GLN E 210 17.84 -17.40 -1.11
N ILE E 211 17.54 -16.25 -0.48
CA ILE E 211 18.08 -14.99 -0.94
C ILE E 211 19.35 -14.54 -0.20
N GLY E 212 19.81 -15.35 0.76
CA GLY E 212 21.00 -15.06 1.54
C GLY E 212 20.91 -13.82 2.42
N SER E 213 19.70 -13.50 2.87
CA SER E 213 19.51 -12.29 3.64
C SER E 213 18.62 -12.55 4.85
N ALA E 214 19.00 -11.99 6.01
CA ALA E 214 18.23 -12.14 7.23
C ALA E 214 17.60 -10.83 7.70
N VAL E 215 17.78 -9.78 6.90
CA VAL E 215 17.16 -8.50 7.21
C VAL E 215 15.66 -8.66 7.20
N GLY E 216 15.00 -8.19 8.23
CA GLY E 216 13.58 -8.45 8.38
C GLY E 216 13.19 -9.68 9.22
N CYS E 217 14.16 -10.57 9.51
CA CYS E 217 13.93 -11.74 10.35
C CYS E 217 13.66 -11.36 11.81
N ASN E 218 13.09 -12.31 12.54
CA ASN E 218 12.84 -12.20 13.97
C ASN E 218 13.46 -13.44 14.60
N PRO E 219 14.61 -13.27 15.26
CA PRO E 219 15.38 -14.43 15.73
C PRO E 219 14.58 -15.49 16.53
N ASP E 220 13.72 -15.02 17.42
CA ASP E 220 12.84 -15.87 18.20
C ASP E 220 12.13 -16.95 17.41
N VAL E 221 11.52 -16.58 16.29
CA VAL E 221 10.81 -17.58 15.50
C VAL E 221 11.64 -18.08 14.32
N ASP E 222 12.59 -17.29 13.85
CA ASP E 222 13.35 -17.62 12.64
C ASP E 222 14.52 -18.55 12.92
N TRP E 223 14.96 -18.58 14.18
CA TRP E 223 16.03 -19.50 14.53
C TRP E 223 15.74 -20.97 14.20
N GLN E 224 14.50 -21.39 14.33
CA GLN E 224 14.11 -22.75 13.97
C GLN E 224 14.30 -22.97 12.46
N ARG E 225 13.84 -22.02 11.65
CA ARG E 225 14.02 -22.11 10.22
C ARG E 225 15.51 -22.17 9.87
N PHE E 226 16.29 -21.24 10.43
CA PHE E 226 17.68 -21.12 10.03
C PHE E 226 18.48 -22.31 10.54
N GLY E 227 18.22 -22.68 11.78
CA GLY E 227 18.87 -23.84 12.38
C GLY E 227 18.72 -25.08 11.54
N THR E 228 17.50 -25.39 11.12
CA THR E 228 17.29 -26.69 10.49
C THR E 228 17.98 -26.71 9.14
N HIS E 229 18.00 -25.55 8.49
CA HIS E 229 18.57 -25.45 7.16
C HIS E 229 20.07 -25.70 7.21
N PHE E 230 20.76 -25.05 8.13
CA PHE E 230 22.22 -25.13 8.14
C PHE E 230 22.70 -26.43 8.78
N ALA E 231 21.81 -27.07 9.54
CA ALA E 231 22.10 -28.32 10.16
C ALA E 231 22.48 -29.39 9.12
N GLN E 232 22.00 -29.21 7.89
CA GLN E 232 22.08 -30.30 6.95
C GLN E 232 23.31 -30.23 6.05
N TYR E 233 24.29 -29.44 6.45
CA TYR E 233 25.52 -29.26 5.67
C TYR E 233 26.74 -29.78 6.43
N ARG E 234 27.70 -30.30 5.69
CA ARG E 234 28.90 -30.92 6.25
C ARG E 234 29.81 -29.88 6.88
N ASN E 235 29.75 -28.66 6.34
CA ASN E 235 30.62 -27.59 6.78
C ASN E 235 29.86 -26.29 6.97
N VAL E 236 30.19 -25.60 8.04
CA VAL E 236 29.59 -24.32 8.35
C VAL E 236 30.69 -23.38 8.77
N TRP E 237 30.70 -22.19 8.20
CA TRP E 237 31.70 -21.20 8.60
C TRP E 237 31.08 -19.93 9.21
N ASP E 238 31.68 -19.49 10.31
CA ASP E 238 31.40 -18.19 10.92
C ASP E 238 32.53 -17.29 10.43
N VAL E 239 32.22 -16.33 9.59
CA VAL E 239 33.28 -15.50 9.01
C VAL E 239 33.25 -14.08 9.54
N ASP E 240 34.37 -13.57 10.02
CA ASP E 240 34.45 -12.19 10.44
C ASP E 240 35.14 -11.34 9.41
N TYR E 241 34.50 -10.26 9.04
CA TYR E 241 35.17 -9.20 8.30
C TYR E 241 35.77 -8.23 9.30
N SER E 242 36.70 -7.42 8.83
CA SER E 242 37.22 -6.28 9.58
C SER E 242 36.81 -4.99 8.88
N ALA E 243 36.05 -4.15 9.56
CA ALA E 243 35.56 -2.89 8.98
C ALA E 243 34.95 -3.11 7.58
N PHE E 244 33.98 -4.00 7.52
CA PHE E 244 33.25 -4.38 6.28
C PHE E 244 32.68 -3.16 5.55
N ASP E 245 31.88 -2.39 6.27
CA ASP E 245 31.21 -1.23 5.73
C ASP E 245 32.17 -0.22 5.08
N ALA E 246 33.32 0.05 5.71
CA ALA E 246 34.18 1.13 5.25
C ALA E 246 35.04 0.67 4.08
N ASN E 247 35.28 -0.63 4.00
CA ASN E 247 36.17 -1.18 3.02
C ASN E 247 35.52 -1.63 1.73
N HIS E 248 34.24 -1.33 1.56
CA HIS E 248 33.63 -1.56 0.26
C HIS E 248 34.36 -0.67 -0.70
N CYS E 249 34.78 -1.20 -1.84
CA CYS E 249 35.49 -0.35 -2.77
C CYS E 249 34.58 0.28 -3.85
N SER E 250 34.96 1.48 -4.30
CA SER E 250 34.28 2.16 -5.41
C SER E 250 33.80 1.23 -6.53
N ASP E 251 34.70 0.37 -7.00
CA ASP E 251 34.40 -0.50 -8.12
C ASP E 251 33.32 -1.51 -7.79
N ALA E 252 33.53 -2.23 -6.70
CA ALA E 252 32.51 -3.13 -6.17
C ALA E 252 31.14 -2.45 -6.01
N MET E 253 31.11 -1.31 -5.33
CA MET E 253 29.87 -0.61 -5.11
C MET E 253 29.20 -0.20 -6.42
N ASN E 254 29.93 0.50 -7.27
CA ASN E 254 29.40 0.95 -8.55
C ASN E 254 28.90 -0.22 -9.38
N ILE E 255 29.67 -1.32 -9.46
CA ILE E 255 29.25 -2.45 -10.27
C ILE E 255 28.01 -3.13 -9.67
N MET E 256 28.00 -3.30 -8.36
CA MET E 256 26.82 -3.88 -7.73
C MET E 256 25.58 -3.06 -8.09
N PHE E 257 25.64 -1.75 -7.88
CA PHE E 257 24.52 -0.91 -8.20
C PHE E 257 24.07 -1.05 -9.64
N GLU E 258 25.03 -1.16 -10.57
CA GLU E 258 24.71 -1.30 -11.99
C GLU E 258 24.04 -2.64 -12.31
N GLU E 259 24.41 -3.70 -11.61
CA GLU E 259 23.86 -5.01 -11.92
C GLU E 259 22.54 -5.33 -11.23
N VAL E 260 22.38 -4.86 -9.99
CA VAL E 260 21.24 -5.25 -9.21
C VAL E 260 19.99 -4.37 -9.45
N PHE E 261 20.20 -3.08 -9.71
CA PHE E 261 19.10 -2.13 -9.77
C PHE E 261 18.76 -1.65 -11.19
N ARG E 262 18.84 -2.58 -12.12
CA ARG E 262 18.62 -2.31 -13.53
C ARG E 262 17.13 -2.03 -13.79
N THR E 263 16.85 -1.25 -14.83
CA THR E 263 15.46 -0.91 -15.16
C THR E 263 14.73 -2.15 -15.64
N GLU E 264 15.43 -3.00 -16.38
CA GLU E 264 14.88 -4.30 -16.75
C GLU E 264 14.37 -5.08 -15.52
N PHE E 265 14.80 -4.70 -14.32
CA PHE E 265 14.27 -5.34 -13.11
C PHE E 265 13.07 -4.61 -12.50
N GLY E 266 12.66 -3.54 -13.15
CA GLY E 266 11.45 -2.84 -12.74
C GLY E 266 11.78 -1.56 -12.01
N PHE E 267 13.06 -1.35 -11.75
CA PHE E 267 13.53 -0.13 -11.07
C PHE E 267 13.47 1.10 -11.96
N HIS E 268 13.16 2.22 -11.34
CA HIS E 268 13.29 3.54 -11.96
C HIS E 268 14.77 3.79 -12.28
N PRO E 269 15.07 4.41 -13.44
CA PRO E 269 16.49 4.65 -13.78
C PRO E 269 17.27 5.40 -12.71
N ASN E 270 16.60 6.17 -11.87
CA ASN E 270 17.32 6.92 -10.86
C ASN E 270 17.58 6.14 -9.58
N ALA E 271 17.22 4.86 -9.59
CA ALA E 271 17.60 4.02 -8.49
C ALA E 271 19.12 3.89 -8.51
N GLU E 272 19.68 3.49 -9.65
CA GLU E 272 21.12 3.40 -9.78
C GLU E 272 21.77 4.70 -9.32
N TRP E 273 21.22 5.82 -9.77
CA TRP E 273 21.86 7.10 -9.54
C TRP E 273 21.87 7.47 -8.04
N ILE E 274 20.71 7.38 -7.39
CA ILE E 274 20.67 7.72 -5.98
C ILE E 274 21.69 6.88 -5.18
N LEU E 275 21.77 5.60 -5.48
CA LEU E 275 22.72 4.71 -4.84
C LEU E 275 24.16 5.12 -5.06
N LYS E 276 24.48 5.52 -6.29
CA LYS E 276 25.85 5.85 -6.62
C LYS E 276 26.40 7.04 -5.85
N THR E 277 25.51 7.94 -5.41
CA THR E 277 25.91 9.10 -4.60
C THR E 277 26.53 8.73 -3.25
N LEU E 278 26.44 7.45 -2.87
CA LEU E 278 27.02 6.99 -1.62
C LEU E 278 28.50 6.63 -1.76
N VAL E 279 28.99 6.59 -3.01
CA VAL E 279 30.36 6.17 -3.27
C VAL E 279 31.36 7.28 -2.92
N ASN E 280 31.07 8.50 -3.33
CA ASN E 280 31.91 9.65 -3.04
C ASN E 280 31.18 10.62 -2.14
N THR E 281 31.68 10.78 -0.91
CA THR E 281 30.92 11.50 0.10
C THR E 281 31.71 12.56 0.85
N GLU E 282 31.00 13.63 1.21
CA GLU E 282 31.50 14.64 2.13
C GLU E 282 30.92 14.42 3.53
N HIS E 283 31.82 14.38 4.51
CA HIS E 283 31.47 14.17 5.91
C HIS E 283 31.81 15.39 6.74
N ALA E 284 30.81 15.88 7.44
CA ALA E 284 30.96 17.05 8.29
C ALA E 284 31.14 16.61 9.74
N TYR E 285 32.26 16.99 10.33
CA TYR E 285 32.50 16.65 11.72
C TYR E 285 33.19 17.81 12.41
N GLU E 286 32.45 18.44 13.32
CA GLU E 286 32.92 19.64 14.00
C GLU E 286 33.27 20.72 12.98
N ASN E 287 34.51 21.17 13.00
CA ASN E 287 34.94 22.14 12.00
C ASN E 287 35.39 21.44 10.71
N LYS E 288 35.66 20.14 10.80
CA LYS E 288 36.27 19.39 9.69
C LYS E 288 35.30 19.01 8.56
N ARG E 289 35.84 18.90 7.35
CA ARG E 289 35.12 18.39 6.19
C ARG E 289 35.97 17.36 5.47
N ILE E 290 35.63 16.08 5.68
CA ILE E 290 36.43 14.97 5.15
C ILE E 290 35.80 14.45 3.85
N THR E 291 36.55 14.56 2.75
CA THR E 291 36.09 14.01 1.47
C THR E 291 36.60 12.57 1.34
N VAL E 292 35.65 11.64 1.26
CA VAL E 292 35.93 10.21 1.21
C VAL E 292 35.50 9.58 -0.13
N GLU E 293 36.35 8.71 -0.64
CA GLU E 293 36.00 7.90 -1.81
C GLU E 293 35.89 6.45 -1.36
N GLY E 294 34.72 5.87 -1.58
CA GLY E 294 34.49 4.48 -1.23
C GLY E 294 33.93 4.37 0.17
N GLY E 295 33.40 3.19 0.48
CA GLY E 295 32.75 2.93 1.75
C GLY E 295 31.25 3.10 1.70
N MET E 296 30.56 2.39 2.57
CA MET E 296 29.15 2.63 2.77
C MET E 296 28.98 3.55 3.99
N PRO E 297 28.22 4.64 3.84
CA PRO E 297 27.80 5.42 5.00
C PRO E 297 26.85 4.60 5.85
N SER E 298 27.09 4.57 7.15
CA SER E 298 26.16 3.93 8.06
C SER E 298 25.00 4.86 8.18
N GLY E 299 23.79 4.38 8.04
CA GLY E 299 22.73 5.33 8.25
C GLY E 299 22.35 6.18 7.05
N CYS E 300 22.53 5.61 5.87
CA CYS E 300 21.71 5.99 4.75
C CYS E 300 20.66 4.92 4.66
N SER E 301 19.53 5.23 4.06
CA SER E 301 18.47 4.26 3.86
C SER E 301 19.03 3.01 3.17
N ALA E 302 18.49 1.86 3.55
CA ALA E 302 18.84 0.58 2.91
C ALA E 302 20.29 0.11 3.19
N THR E 303 20.97 0.77 4.12
CA THR E 303 22.34 0.49 4.42
C THR E 303 22.62 -0.98 4.71
N SER E 304 21.76 -1.63 5.48
CA SER E 304 21.90 -3.05 5.81
C SER E 304 21.64 -3.99 4.64
N ILE E 305 20.65 -3.62 3.81
CA ILE E 305 20.31 -4.35 2.64
C ILE E 305 21.44 -4.32 1.61
N ILE E 306 22.03 -3.15 1.42
CA ILE E 306 23.11 -3.01 0.45
C ILE E 306 24.31 -3.82 0.90
N ASN E 307 24.63 -3.72 2.19
CA ASN E 307 25.68 -4.52 2.80
C ASN E 307 25.46 -6.01 2.68
N THR E 308 24.22 -6.43 2.92
CA THR E 308 23.86 -7.83 2.74
C THR E 308 24.05 -8.28 1.29
N ILE E 309 23.61 -7.46 0.34
CA ILE E 309 23.81 -7.75 -1.07
C ILE E 309 25.29 -7.87 -1.40
N LEU E 310 26.09 -6.89 -1.02
CA LEU E 310 27.53 -6.98 -1.28
C LEU E 310 28.14 -8.25 -0.65
N ASN E 311 27.74 -8.54 0.58
CA ASN E 311 28.22 -9.71 1.26
C ASN E 311 27.99 -10.98 0.48
N ASN E 312 26.78 -11.16 -0.05
CA ASN E 312 26.47 -12.28 -0.94
C ASN E 312 27.34 -12.29 -2.19
N ILE E 313 27.61 -11.12 -2.75
CA ILE E 313 28.34 -11.07 -4.01
C ILE E 313 29.83 -11.39 -3.76
N TYR E 314 30.35 -10.94 -2.62
CA TYR E 314 31.75 -11.19 -2.24
C TYR E 314 32.08 -12.66 -2.09
N VAL E 315 31.18 -13.41 -1.49
CA VAL E 315 31.38 -14.85 -1.29
C VAL E 315 31.45 -15.56 -2.66
N LEU E 316 30.55 -15.16 -3.55
CA LEU E 316 30.46 -15.75 -4.85
C LEU E 316 31.72 -15.48 -5.65
N TYR E 317 32.10 -14.21 -5.70
CA TYR E 317 33.31 -13.73 -6.35
C TYR E 317 34.56 -14.42 -5.80
N ALA E 318 34.74 -14.42 -4.48
CA ALA E 318 35.93 -14.97 -3.87
C ALA E 318 36.11 -16.43 -4.22
N LEU E 319 35.01 -17.18 -4.22
CA LEU E 319 35.08 -18.60 -4.49
C LEU E 319 35.34 -18.84 -5.98
N ARG E 320 34.67 -18.05 -6.82
CA ARG E 320 34.87 -18.19 -8.25
C ARG E 320 36.26 -17.77 -8.67
N ARG E 321 36.86 -16.86 -7.92
CA ARG E 321 38.19 -16.38 -8.22
C ARG E 321 39.20 -17.47 -7.99
N HIS E 322 38.82 -18.49 -7.22
CA HIS E 322 39.74 -19.53 -6.77
C HIS E 322 39.47 -20.86 -7.41
N TYR E 323 38.20 -21.25 -7.40
CA TYR E 323 37.77 -22.54 -7.89
C TYR E 323 36.98 -22.33 -9.19
N GLU E 324 36.87 -23.41 -9.94
CA GLU E 324 36.09 -23.41 -11.18
C GLU E 324 34.72 -24.08 -10.98
N GLY E 325 33.80 -23.86 -11.91
CA GLY E 325 32.48 -24.48 -11.83
C GLY E 325 31.74 -24.18 -10.52
N VAL E 326 32.06 -23.05 -9.87
CA VAL E 326 31.37 -22.62 -8.67
C VAL E 326 30.09 -21.87 -9.01
N GLU E 327 28.95 -22.41 -8.60
CA GLU E 327 27.67 -21.77 -8.86
C GLU E 327 26.99 -21.41 -7.56
N LEU E 328 25.85 -20.73 -7.66
CA LEU E 328 25.11 -20.28 -6.49
C LEU E 328 24.74 -21.38 -5.55
N ASP E 329 24.65 -22.60 -6.08
CA ASP E 329 24.30 -23.73 -5.22
C ASP E 329 25.48 -24.56 -4.74
N THR E 330 26.73 -24.18 -5.09
CA THR E 330 27.91 -24.79 -4.49
C THR E 330 27.90 -24.60 -2.95
N TYR E 331 27.12 -23.63 -2.48
CA TYR E 331 27.10 -23.27 -1.07
C TYR E 331 25.78 -22.63 -0.70
N THR E 332 25.67 -22.24 0.55
CA THR E 332 24.52 -21.50 1.02
C THR E 332 25.00 -20.52 2.07
N MET E 333 24.31 -19.39 2.18
CA MET E 333 24.65 -18.42 3.18
C MET E 333 23.48 -17.58 3.59
N ILE E 334 23.59 -16.99 4.76
CA ILE E 334 22.69 -15.94 5.12
C ILE E 334 23.50 -14.83 5.74
N SER E 335 23.07 -13.62 5.46
CA SER E 335 23.83 -12.45 5.86
C SER E 335 22.94 -11.35 6.45
N TYR E 336 23.46 -10.60 7.40
CA TYR E 336 22.82 -9.36 7.82
C TYR E 336 23.88 -8.30 7.92
N GLY E 337 23.96 -7.46 6.90
CA GLY E 337 25.13 -6.62 6.68
C GLY E 337 26.40 -7.47 6.68
N ASP E 338 27.34 -7.11 7.54
CA ASP E 338 28.62 -7.80 7.61
C ASP E 338 28.50 -9.21 8.19
N ASP E 339 27.54 -9.43 9.10
CA ASP E 339 27.34 -10.70 9.79
C ASP E 339 26.91 -11.79 8.80
N ILE E 340 27.51 -12.97 8.90
CA ILE E 340 27.32 -13.99 7.87
C ILE E 340 27.57 -15.42 8.40
N VAL E 341 26.70 -16.34 8.04
CA VAL E 341 27.00 -17.76 8.11
C VAL E 341 27.01 -18.32 6.68
N VAL E 342 27.98 -19.20 6.38
CA VAL E 342 28.14 -19.84 5.07
C VAL E 342 28.17 -21.32 5.34
N ALA E 343 27.68 -22.10 4.40
CA ALA E 343 27.71 -23.54 4.54
C ALA E 343 27.75 -24.19 3.17
N SER E 344 28.23 -25.42 3.16
CA SER E 344 28.52 -26.17 1.93
C SER E 344 28.88 -27.57 2.32
N ASP E 345 28.63 -28.50 1.41
CA ASP E 345 29.04 -29.89 1.58
C ASP E 345 30.41 -30.06 1.00
N TYR E 346 30.74 -29.19 0.06
CA TYR E 346 32.09 -29.13 -0.51
C TYR E 346 33.04 -28.74 0.60
N ASP E 347 34.27 -29.26 0.57
CA ASP E 347 35.25 -28.92 1.59
C ASP E 347 36.00 -27.62 1.25
N LEU E 348 35.27 -26.51 1.14
CA LEU E 348 35.87 -25.24 0.74
C LEU E 348 36.94 -24.77 1.71
N ASP E 349 37.89 -24.03 1.18
CA ASP E 349 39.03 -23.62 1.94
C ASP E 349 39.04 -22.10 2.06
N PHE E 350 38.51 -21.64 3.17
CA PHE E 350 38.37 -20.22 3.40
C PHE E 350 39.69 -19.56 3.67
N GLU E 351 40.65 -20.37 4.10
CA GLU E 351 42.01 -19.91 4.32
C GLU E 351 42.51 -19.43 2.96
N ALA E 352 42.36 -20.28 1.95
CA ALA E 352 42.77 -19.93 0.59
C ALA E 352 42.03 -18.68 0.05
N LEU E 353 40.83 -18.41 0.57
CA LEU E 353 40.05 -17.28 0.07
C LEU E 353 40.55 -15.90 0.48
N LYS E 354 41.25 -15.79 1.60
CA LYS E 354 41.71 -14.49 2.12
C LYS E 354 42.11 -13.50 1.03
N PRO E 355 43.08 -13.90 0.16
CA PRO E 355 43.54 -12.97 -0.89
C PRO E 355 42.48 -12.56 -1.92
N HIS E 356 41.45 -13.37 -2.10
CA HIS E 356 40.39 -13.06 -3.06
C HIS E 356 39.43 -12.05 -2.51
N PHE E 357 39.02 -12.25 -1.26
CA PHE E 357 38.37 -11.17 -0.52
C PHE E 357 39.25 -9.96 -0.49
N LYS E 358 40.57 -10.15 -0.36
CA LYS E 358 41.47 -9.02 -0.26
C LYS E 358 41.43 -8.12 -1.47
N SER E 359 41.15 -8.71 -2.63
CA SER E 359 41.03 -7.97 -3.88
C SER E 359 39.89 -6.95 -3.90
N LEU E 360 38.89 -7.16 -3.04
CA LEU E 360 37.82 -6.18 -2.85
C LEU E 360 38.05 -5.26 -1.64
N GLY E 361 39.27 -5.28 -1.11
CA GLY E 361 39.60 -4.54 0.11
C GLY E 361 39.07 -5.16 1.39
N GLN E 362 38.61 -6.40 1.35
CA GLN E 362 38.00 -7.04 2.52
C GLN E 362 38.91 -8.09 3.18
N THR E 363 38.95 -8.06 4.51
CA THR E 363 39.81 -8.95 5.25
C THR E 363 38.95 -9.89 6.04
N ILE E 364 38.93 -11.15 5.66
CA ILE E 364 38.16 -12.16 6.40
C ILE E 364 39.03 -12.91 7.40
N THR E 365 38.51 -13.08 8.60
CA THR E 365 39.14 -13.90 9.64
C THR E 365 38.05 -14.81 10.23
N PRO E 366 38.44 -15.89 10.90
CA PRO E 366 37.45 -16.79 11.45
C PRO E 366 36.88 -16.22 12.74
N ALA E 367 35.62 -16.53 13.04
CA ALA E 367 34.97 -15.97 14.23
C ALA E 367 35.72 -16.37 15.51
N ASP E 368 36.05 -17.65 15.64
CA ASP E 368 36.89 -18.04 16.77
C ASP E 368 38.35 -17.68 16.51
N LYS E 369 38.82 -16.61 17.16
CA LYS E 369 40.20 -16.14 16.97
C LYS E 369 41.08 -17.38 17.08
N SER E 370 40.61 -18.28 17.96
CA SER E 370 41.26 -19.55 18.31
C SER E 370 41.89 -20.32 17.15
N ASP E 371 42.91 -21.08 17.54
CA ASP E 371 43.66 -22.00 16.69
C ASP E 371 43.77 -21.65 15.19
N LYS E 372 43.70 -20.33 14.94
CA LYS E 372 44.36 -19.74 13.78
C LYS E 372 43.89 -20.35 12.47
N GLY E 373 43.06 -19.59 11.76
CA GLY E 373 42.68 -19.96 10.43
C GLY E 373 41.45 -20.84 10.40
N PHE E 374 40.82 -20.88 9.24
CA PHE E 374 39.56 -21.55 9.07
C PHE E 374 39.75 -23.04 9.07
N VAL E 375 38.81 -23.75 9.69
CA VAL E 375 38.87 -25.20 9.76
C VAL E 375 37.56 -25.79 9.24
N LEU E 376 37.54 -27.10 9.07
CA LEU E 376 36.41 -27.77 8.48
C LEU E 376 35.69 -28.47 9.59
N GLY E 377 34.46 -28.90 9.31
CA GLY E 377 33.74 -29.77 10.23
C GLY E 377 32.91 -29.08 11.29
N HIS E 378 32.92 -27.74 11.31
CA HIS E 378 32.04 -27.02 12.25
C HIS E 378 30.56 -27.16 11.87
N SER E 379 29.71 -27.10 12.88
CA SER E 379 28.27 -27.18 12.69
C SER E 379 27.62 -25.86 13.08
N ILE E 380 26.32 -25.78 12.84
CA ILE E 380 25.55 -24.59 13.11
C ILE E 380 25.53 -24.24 14.60
N THR E 381 25.48 -25.26 15.46
CA THR E 381 25.55 -25.11 16.90
C THR E 381 26.91 -24.63 17.40
N ASP E 382 27.84 -24.43 16.47
CA ASP E 382 29.16 -23.92 16.80
C ASP E 382 29.25 -22.40 16.61
N VAL E 383 28.41 -21.85 15.73
CA VAL E 383 28.59 -20.48 15.27
C VAL E 383 27.69 -19.42 15.95
N THR E 384 28.04 -18.16 15.70
CA THR E 384 27.25 -17.00 16.13
C THR E 384 26.74 -16.21 14.94
N PHE E 385 25.51 -15.73 15.10
CA PHE E 385 24.90 -14.85 14.11
C PHE E 385 24.03 -13.87 14.93
N LEU E 386 24.06 -12.60 14.56
CA LEU E 386 23.39 -11.55 15.33
C LEU E 386 23.61 -11.68 16.85
N LYS E 387 24.85 -11.97 17.27
CA LYS E 387 25.25 -12.22 18.68
C LYS E 387 24.47 -13.35 19.35
N ARG E 388 23.87 -14.20 18.55
CA ARG E 388 23.16 -15.35 19.08
C ARG E 388 23.75 -16.66 18.59
N HIS E 389 23.77 -17.62 19.50
CA HIS E 389 24.07 -18.99 19.14
C HIS E 389 22.78 -19.70 18.78
N PHE E 390 22.96 -20.86 18.15
CA PHE E 390 21.87 -21.74 17.86
C PHE E 390 21.93 -22.85 18.84
N HIS E 391 21.09 -22.80 19.85
CA HIS E 391 20.94 -23.92 20.75
C HIS E 391 19.58 -24.56 20.58
N MET E 392 19.54 -25.82 20.98
CA MET E 392 18.34 -26.62 20.93
C MET E 392 17.53 -26.45 22.19
N ASP E 393 16.26 -26.08 22.06
CA ASP E 393 15.37 -26.04 23.19
C ASP E 393 15.01 -27.43 23.62
N TYR E 394 15.47 -27.75 24.84
CA TYR E 394 15.17 -28.99 25.57
C TYR E 394 13.73 -29.54 25.49
N GLY E 395 12.76 -28.68 25.21
CA GLY E 395 11.35 -29.03 25.49
C GLY E 395 10.37 -28.86 24.34
N THR E 396 10.78 -28.13 23.32
CA THR E 396 10.02 -28.04 22.09
C THR E 396 10.79 -28.78 20.98
N GLY E 397 12.10 -28.94 21.17
CA GLY E 397 12.95 -29.47 20.12
C GLY E 397 13.51 -28.42 19.14
N PHE E 398 12.91 -27.21 19.11
CA PHE E 398 13.31 -26.13 18.20
C PHE E 398 14.55 -25.36 18.60
N TYR E 399 15.27 -24.79 17.62
CA TYR E 399 16.41 -23.91 17.90
C TYR E 399 15.98 -22.60 18.55
N LYS E 400 16.80 -22.12 19.48
CA LYS E 400 16.52 -20.84 20.08
C LYS E 400 17.76 -19.95 20.04
N PRO E 401 17.56 -18.63 19.86
CA PRO E 401 18.68 -17.69 19.83
C PRO E 401 19.23 -17.43 21.25
N VAL E 402 20.40 -17.97 21.56
CA VAL E 402 20.99 -17.81 22.88
C VAL E 402 22.15 -16.83 22.81
N MET E 403 22.02 -15.76 23.59
CA MET E 403 23.10 -14.78 23.76
C MET E 403 24.05 -15.21 24.89
N ALA E 404 25.32 -14.87 24.73
CA ALA E 404 26.34 -15.23 25.70
C ALA E 404 26.03 -14.49 26.98
N SER E 405 26.29 -15.14 28.11
CA SER E 405 25.98 -14.56 29.43
C SER E 405 26.76 -13.30 29.75
N LYS E 406 28.00 -13.20 29.27
CA LYS E 406 28.79 -11.97 29.47
C LYS E 406 28.16 -10.77 28.73
N THR E 407 27.75 -10.99 27.48
CA THR E 407 26.99 -10.00 26.72
C THR E 407 25.76 -9.51 27.49
N LEU E 408 24.91 -10.43 27.92
CA LEU E 408 23.72 -10.08 28.67
C LEU E 408 24.07 -9.24 29.90
N GLU E 409 25.11 -9.66 30.63
CA GLU E 409 25.60 -8.96 31.79
C GLU E 409 26.07 -7.56 31.45
N ALA E 410 26.90 -7.46 30.42
CA ALA E 410 27.27 -6.16 29.92
C ALA E 410 26.02 -5.31 29.68
N ILE E 411 25.05 -5.82 28.91
CA ILE E 411 23.81 -5.10 28.55
C ILE E 411 22.99 -4.64 29.76
N LEU E 412 22.87 -5.51 30.76
CA LEU E 412 22.12 -5.19 31.97
C LEU E 412 22.84 -4.21 32.90
N SER E 413 24.13 -3.99 32.65
CA SER E 413 24.94 -3.21 33.59
C SER E 413 24.85 -1.70 33.44
N PHE E 414 24.21 -1.25 32.37
CA PHE E 414 24.13 0.17 32.01
C PHE E 414 22.80 0.53 31.41
N ALA E 415 22.35 1.76 31.65
CA ALA E 415 21.15 2.27 31.01
C ALA E 415 21.00 3.76 31.14
N ARG E 416 20.14 4.28 30.27
CA ARG E 416 19.78 5.67 30.24
C ARG E 416 18.74 5.98 31.27
N ARG E 417 18.92 7.11 31.93
CA ARG E 417 18.04 7.61 32.98
C ARG E 417 16.57 7.41 32.65
N GLY E 418 15.83 6.88 33.62
CA GLY E 418 14.38 6.68 33.50
C GLY E 418 13.93 5.58 32.56
N THR E 419 14.85 4.68 32.20
CA THR E 419 14.53 3.64 31.20
C THR E 419 14.76 2.23 31.67
N ILE E 420 15.31 2.06 32.86
CA ILE E 420 15.64 0.74 33.35
C ILE E 420 14.46 -0.24 33.25
N GLN E 421 13.28 0.17 33.72
CA GLN E 421 12.11 -0.72 33.73
C GLN E 421 11.84 -1.24 32.35
N GLU E 422 11.62 -0.33 31.40
CA GLU E 422 11.44 -0.68 30.01
C GLU E 422 12.56 -1.59 29.51
N LYS E 423 13.81 -1.18 29.71
CA LYS E 423 14.95 -1.94 29.22
C LYS E 423 14.96 -3.35 29.78
N LEU E 424 14.62 -3.47 31.07
CA LEU E 424 14.60 -4.78 31.72
C LEU E 424 13.66 -5.75 31.02
N ILE E 425 12.44 -5.30 30.75
CA ILE E 425 11.43 -6.13 30.12
C ILE E 425 11.86 -6.57 28.74
N SER E 426 12.50 -5.65 28.01
CA SER E 426 12.99 -5.95 26.68
C SER E 426 14.04 -7.03 26.72
N VAL E 427 15.02 -6.83 27.59
CA VAL E 427 16.20 -7.69 27.65
C VAL E 427 15.79 -9.07 28.17
N ALA E 428 14.72 -9.11 28.96
CA ALA E 428 14.14 -10.34 29.41
C ALA E 428 13.79 -11.28 28.24
N GLY E 429 13.18 -10.74 27.18
CA GLY E 429 12.88 -11.53 25.98
C GLY E 429 14.16 -12.12 25.38
N LEU E 430 15.28 -11.43 25.57
CA LEU E 430 16.60 -11.90 25.12
C LEU E 430 17.17 -12.98 26.03
N ALA E 431 16.84 -12.92 27.32
CA ALA E 431 17.51 -13.73 28.32
C ALA E 431 16.85 -15.08 28.56
N VAL E 432 15.54 -15.14 28.33
CA VAL E 432 14.73 -16.35 28.55
C VAL E 432 15.41 -17.60 27.96
N HIS E 433 15.91 -17.46 26.75
CA HIS E 433 16.60 -18.49 26.04
C HIS E 433 17.89 -19.05 26.71
N SER E 434 18.40 -18.37 27.72
CA SER E 434 19.56 -18.85 28.49
C SER E 434 19.17 -19.87 29.57
N GLY E 435 17.87 -20.10 29.78
CA GLY E 435 17.40 -21.10 30.74
C GLY E 435 17.09 -20.49 32.09
N PRO E 436 16.26 -21.18 32.90
CA PRO E 436 15.70 -20.63 34.14
C PRO E 436 16.72 -20.23 35.21
N ASP E 437 17.81 -20.94 35.31
CA ASP E 437 18.75 -20.62 36.35
C ASP E 437 19.49 -19.37 35.96
N GLU E 438 20.00 -19.35 34.74
CA GLU E 438 20.78 -18.24 34.27
C GLU E 438 19.94 -16.97 34.19
N TYR E 439 18.67 -17.12 33.82
CA TYR E 439 17.67 -16.05 33.89
C TYR E 439 17.49 -15.49 35.31
N ARG E 440 17.45 -16.39 36.30
CA ARG E 440 17.29 -16.02 37.68
C ARG E 440 18.50 -15.19 38.13
N ARG E 441 19.68 -15.66 37.73
CA ARG E 441 20.95 -15.06 38.12
C ARG E 441 21.14 -13.67 37.52
N LEU E 442 20.98 -13.57 36.22
CA LEU E 442 21.12 -12.28 35.58
C LEU E 442 20.23 -11.20 36.20
N PHE E 443 19.04 -11.60 36.65
CA PHE E 443 18.07 -10.63 37.10
C PHE E 443 18.06 -10.42 38.61
N GLU E 444 18.86 -11.24 39.29
CA GLU E 444 19.02 -11.20 40.73
C GLU E 444 19.30 -9.80 41.29
N PRO E 445 20.18 -9.03 40.62
CA PRO E 445 20.44 -7.70 41.17
C PRO E 445 19.27 -6.74 41.06
N PHE E 446 18.23 -7.10 40.32
CA PHE E 446 17.08 -6.21 40.17
C PHE E 446 15.90 -6.59 41.06
N GLN E 447 15.96 -7.75 41.69
CA GLN E 447 14.90 -8.22 42.55
C GLN E 447 14.54 -7.18 43.60
N GLY E 448 13.27 -6.76 43.60
CA GLY E 448 12.76 -5.87 44.66
C GLY E 448 12.67 -4.39 44.29
N LEU E 449 13.30 -4.02 43.18
CA LEU E 449 13.43 -2.62 42.78
C LEU E 449 12.73 -2.36 41.47
N PHE E 450 12.64 -3.39 40.64
CA PHE E 450 11.92 -3.31 39.39
C PHE E 450 11.10 -4.58 39.21
N GLU E 451 10.15 -4.52 38.29
CA GLU E 451 9.38 -5.68 37.89
C GLU E 451 10.17 -6.58 36.93
N ILE E 452 10.40 -7.82 37.34
CA ILE E 452 11.02 -8.83 36.50
C ILE E 452 10.01 -9.85 35.95
N PRO E 453 9.81 -9.92 34.63
CA PRO E 453 8.86 -10.91 34.13
C PRO E 453 9.31 -12.30 34.54
N SER E 454 8.36 -13.16 34.85
CA SER E 454 8.71 -14.53 35.20
C SER E 454 9.32 -15.21 33.98
N TYR E 455 10.21 -16.16 34.23
CA TYR E 455 10.76 -17.02 33.21
C TYR E 455 9.64 -17.72 32.44
N ARG E 456 8.73 -18.34 33.19
CA ARG E 456 7.64 -19.12 32.64
C ARG E 456 6.84 -18.35 31.66
N SER E 457 6.38 -17.16 32.07
CA SER E 457 5.59 -16.29 31.18
C SER E 457 6.30 -15.94 29.88
N LEU E 458 7.61 -15.73 29.93
CA LEU E 458 8.36 -15.43 28.69
C LEU E 458 8.68 -16.65 27.85
N TYR E 459 8.81 -17.80 28.51
CA TYR E 459 8.94 -19.06 27.81
C TYR E 459 7.68 -19.41 27.02
N LEU E 460 6.54 -19.29 27.67
CA LEU E 460 5.27 -19.56 27.05
C LEU E 460 5.01 -18.59 25.93
N ARG E 461 5.45 -17.34 26.09
CA ARG E 461 5.27 -16.39 25.03
C ARG E 461 6.08 -16.89 23.83
N TRP E 462 7.33 -17.29 24.09
CA TRP E 462 8.20 -17.72 23.01
C TRP E 462 7.65 -18.93 22.25
N VAL E 463 7.25 -19.97 22.99
CA VAL E 463 6.62 -21.16 22.38
C VAL E 463 5.47 -20.79 21.43
N ASN E 464 4.51 -20.01 21.92
CA ASN E 464 3.43 -19.57 21.05
C ASN E 464 3.91 -18.86 19.79
N ALA E 465 5.01 -18.11 19.90
CA ALA E 465 5.53 -17.37 18.75
C ALA E 465 6.20 -18.30 17.73
N VAL E 466 6.96 -19.28 18.24
CA VAL E 466 7.79 -20.09 17.36
C VAL E 466 6.99 -21.20 16.68
N CYS E 467 5.87 -21.59 17.28
CA CYS E 467 4.99 -22.62 16.71
C CYS E 467 3.63 -22.68 17.43
N GLY E 468 2.69 -21.77 17.13
CA GLY E 468 1.31 -21.78 17.75
C GLY E 468 0.72 -23.17 18.07
N ASP E 469 1.11 -24.16 17.25
CA ASP E 469 0.64 -25.55 17.30
C ASP E 469 1.25 -26.36 18.46
N ALA E 470 2.51 -26.05 18.78
CA ALA E 470 3.16 -26.69 19.93
C ALA E 470 2.71 -26.04 21.25
N ALA E 471 2.12 -24.84 21.19
CA ALA E 471 1.40 -24.35 22.37
C ALA E 471 0.16 -25.23 22.47
N ALA E 472 -0.70 -25.11 21.45
CA ALA E 472 -2.04 -25.68 21.44
C ALA E 472 -2.06 -27.11 21.91
N LEU E 473 -1.54 -28.01 21.08
CA LEU E 473 -1.77 -29.42 21.33
C LEU E 473 -0.52 -30.08 21.94
N GLU E 474 0.17 -29.26 22.74
CA GLU E 474 0.99 -29.80 23.84
C GLU E 474 0.33 -29.30 25.14
N GLY F 1 -27.17 16.00 -20.38
CA GLY F 1 -26.39 17.21 -20.74
C GLY F 1 -26.98 17.98 -21.91
N LEU F 2 -26.19 18.85 -22.50
CA LEU F 2 -26.61 19.58 -23.67
C LEU F 2 -25.77 19.16 -24.87
N ILE F 3 -26.44 18.72 -25.92
CA ILE F 3 -25.72 18.39 -27.13
C ILE F 3 -25.51 19.67 -27.95
N VAL F 4 -24.29 20.18 -27.95
CA VAL F 4 -23.99 21.44 -28.61
C VAL F 4 -23.54 21.24 -30.06
N ASP F 5 -23.08 20.02 -30.36
CA ASP F 5 -22.60 19.65 -31.70
C ASP F 5 -22.78 18.15 -31.97
N THR F 6 -23.30 17.82 -33.15
CA THR F 6 -23.34 16.45 -33.65
C THR F 6 -22.85 16.49 -35.09
N ARG F 7 -21.78 15.76 -35.36
CA ARG F 7 -21.15 15.80 -36.68
C ARG F 7 -20.62 14.44 -37.17
N ASP F 8 -20.61 14.27 -38.50
CA ASP F 8 -20.12 13.05 -39.13
C ASP F 8 -18.67 13.14 -39.57
N VAL F 9 -17.83 12.29 -38.99
CA VAL F 9 -16.49 12.05 -39.51
C VAL F 9 -16.43 10.59 -39.98
N GLU F 10 -15.69 10.35 -41.07
CA GLU F 10 -15.66 9.05 -41.75
C GLU F 10 -15.33 7.83 -40.87
N GLU F 11 -14.34 7.93 -40.00
CA GLU F 11 -13.89 6.76 -39.20
C GLU F 11 -14.91 6.13 -38.23
N ARG F 12 -15.61 5.08 -38.70
CA ARG F 12 -16.67 4.37 -37.94
C ARG F 12 -16.21 3.75 -36.63
N VAL F 13 -16.79 4.21 -35.51
CA VAL F 13 -16.60 3.54 -34.23
C VAL F 13 -17.57 2.35 -34.14
N HIS F 14 -16.99 1.15 -34.20
CA HIS F 14 -17.75 -0.10 -34.26
C HIS F 14 -18.22 -0.56 -32.85
N VAL F 15 -19.55 -0.70 -32.68
CA VAL F 15 -20.11 -1.12 -31.38
C VAL F 15 -21.20 -2.21 -31.42
N MET F 16 -22.38 -1.84 -31.94
CA MET F 16 -23.60 -2.71 -32.04
C MET F 16 -23.32 -4.21 -32.32
N ARG F 17 -23.98 -5.09 -31.55
CA ARG F 17 -23.96 -6.52 -31.92
C ARG F 17 -25.36 -7.17 -31.87
N LYS F 18 -25.33 -8.48 -31.74
CA LYS F 18 -26.46 -9.25 -31.26
C LYS F 18 -26.20 -9.34 -29.77
N THR F 19 -27.26 -9.52 -28.97
CA THR F 19 -27.07 -9.74 -27.54
C THR F 19 -26.33 -11.06 -27.25
N LYS F 20 -25.72 -11.14 -26.07
CA LYS F 20 -25.09 -12.38 -25.66
C LYS F 20 -25.97 -13.15 -24.70
N LEU F 21 -27.12 -12.57 -24.42
CA LEU F 21 -28.09 -13.13 -23.49
C LEU F 21 -29.05 -14.03 -24.22
N ALA F 22 -29.01 -15.29 -23.85
CA ALA F 22 -29.97 -16.26 -24.32
C ALA F 22 -30.94 -16.57 -23.17
N PRO F 23 -32.17 -16.99 -23.48
CA PRO F 23 -33.06 -17.41 -22.39
C PRO F 23 -32.63 -18.76 -21.79
N THR F 24 -32.98 -18.99 -20.53
CA THR F 24 -32.74 -20.27 -19.87
C THR F 24 -34.02 -21.07 -19.85
N VAL F 25 -33.98 -22.22 -19.17
CA VAL F 25 -35.17 -23.06 -19.00
C VAL F 25 -36.24 -22.30 -18.22
N ALA F 26 -35.83 -21.43 -17.30
CA ALA F 26 -36.74 -20.67 -16.45
C ALA F 26 -37.61 -19.65 -17.16
N HIS F 27 -37.18 -19.21 -18.34
CA HIS F 27 -37.94 -18.24 -19.11
C HIS F 27 -39.32 -18.79 -19.44
N GLY F 28 -39.35 -19.97 -20.04
CA GLY F 28 -40.61 -20.63 -20.33
C GLY F 28 -41.50 -20.68 -19.09
N VAL F 29 -40.86 -20.87 -17.93
CA VAL F 29 -41.61 -21.08 -16.71
C VAL F 29 -42.05 -19.75 -16.12
N PHE F 30 -41.18 -18.76 -16.10
CA PHE F 30 -41.53 -17.50 -15.41
C PHE F 30 -42.19 -16.45 -16.30
N ASN F 31 -41.99 -16.59 -17.62
CA ASN F 31 -42.48 -15.62 -18.60
C ASN F 31 -42.43 -14.17 -18.12
N PRO F 32 -41.20 -13.65 -17.87
CA PRO F 32 -41.06 -12.32 -17.29
C PRO F 32 -41.39 -11.20 -18.27
N GLU F 33 -41.87 -10.09 -17.74
CA GLU F 33 -42.06 -8.89 -18.54
C GLU F 33 -40.70 -8.21 -18.72
N PHE F 34 -39.71 -9.00 -19.14
CA PHE F 34 -38.34 -8.53 -19.33
C PHE F 34 -37.70 -9.24 -20.51
N GLY F 35 -36.68 -8.61 -21.08
CA GLY F 35 -36.03 -9.13 -22.27
C GLY F 35 -34.78 -8.34 -22.53
N PRO F 36 -33.86 -8.85 -23.36
CA PRO F 36 -32.64 -8.09 -23.60
C PRO F 36 -32.93 -6.82 -24.39
N ALA F 37 -32.15 -5.78 -24.11
CA ALA F 37 -32.30 -4.47 -24.72
C ALA F 37 -32.02 -4.59 -26.21
N ALA F 38 -32.68 -3.75 -27.00
CA ALA F 38 -32.39 -3.69 -28.43
C ALA F 38 -31.00 -3.11 -28.64
N LEU F 39 -30.20 -3.81 -29.42
CA LEU F 39 -28.88 -3.33 -29.76
C LEU F 39 -28.78 -2.97 -31.24
N SER F 40 -29.79 -3.37 -32.03
CA SER F 40 -29.85 -3.06 -33.46
C SER F 40 -30.99 -2.12 -33.75
N ASN F 41 -30.70 -1.15 -34.62
CA ASN F 41 -31.67 -0.12 -35.04
C ASN F 41 -32.91 -0.66 -35.81
N LYS F 42 -32.91 -1.96 -36.12
CA LYS F 42 -34.06 -2.62 -36.79
C LYS F 42 -34.62 -3.81 -36.02
N ASP F 43 -34.07 -4.09 -34.84
CA ASP F 43 -34.63 -5.08 -33.91
C ASP F 43 -36.17 -5.13 -34.05
N PRO F 44 -36.72 -6.31 -34.37
CA PRO F 44 -38.15 -6.47 -34.63
C PRO F 44 -39.02 -6.20 -33.42
N ARG F 45 -38.47 -6.26 -32.23
CA ARG F 45 -39.24 -6.03 -31.01
C ARG F 45 -39.46 -4.55 -30.74
N LEU F 46 -38.77 -3.69 -31.47
CA LEU F 46 -38.90 -2.24 -31.31
C LEU F 46 -40.23 -1.79 -31.84
N ASN F 47 -40.87 -0.87 -31.14
CA ASN F 47 -42.09 -0.25 -31.62
C ASN F 47 -41.98 0.38 -33.01
N GLU F 48 -43.11 0.43 -33.70
CA GLU F 48 -43.19 1.06 -35.01
C GLU F 48 -42.82 2.56 -34.93
N GLY F 49 -41.71 2.89 -35.60
CA GLY F 49 -41.27 4.27 -35.77
C GLY F 49 -40.38 4.75 -34.66
N VAL F 50 -39.45 3.90 -34.23
CA VAL F 50 -38.52 4.26 -33.18
C VAL F 50 -37.13 4.24 -33.79
N VAL F 51 -36.33 5.25 -33.49
CA VAL F 51 -34.96 5.28 -33.97
C VAL F 51 -34.04 5.11 -32.77
N LEU F 52 -33.23 4.05 -32.79
CA LEU F 52 -32.41 3.71 -31.65
C LEU F 52 -31.35 4.78 -31.43
N ASP F 53 -30.57 5.04 -32.48
CA ASP F 53 -29.57 6.13 -32.52
C ASP F 53 -30.11 7.45 -31.92
N GLU F 54 -31.43 7.62 -31.97
CA GLU F 54 -32.12 8.77 -31.37
C GLU F 54 -32.26 8.59 -29.87
N VAL F 55 -33.17 7.70 -29.49
CA VAL F 55 -33.53 7.43 -28.09
C VAL F 55 -32.33 7.22 -27.15
N ILE F 56 -31.34 6.50 -27.63
CA ILE F 56 -30.08 6.33 -26.93
C ILE F 56 -29.59 7.64 -26.35
N PHE F 57 -29.71 8.71 -27.12
CA PHE F 57 -29.18 10.01 -26.70
C PHE F 57 -30.23 10.99 -26.16
N SER F 58 -31.49 10.56 -26.12
CA SER F 58 -32.59 11.44 -25.69
C SER F 58 -32.47 11.92 -24.24
N LYS F 59 -31.56 11.33 -23.47
CA LYS F 59 -31.37 11.76 -22.09
C LYS F 59 -30.74 13.16 -22.02
N HIS F 60 -29.99 13.55 -23.03
CA HIS F 60 -29.38 14.87 -23.06
C HIS F 60 -30.38 15.95 -23.45
N LYS F 61 -31.13 16.42 -22.46
CA LYS F 61 -32.19 17.37 -22.67
C LYS F 61 -31.77 18.77 -22.22
N GLY F 62 -30.46 18.97 -22.09
CA GLY F 62 -29.95 20.28 -21.69
C GLY F 62 -29.03 20.26 -20.48
N ASP F 63 -28.36 21.39 -20.27
CA ASP F 63 -27.44 21.63 -19.17
C ASP F 63 -27.99 22.83 -18.45
N THR F 64 -28.64 22.60 -17.31
CA THR F 64 -29.21 23.71 -16.53
C THR F 64 -28.15 24.68 -16.04
N LYS F 65 -28.43 25.95 -16.26
CA LYS F 65 -27.58 27.01 -15.78
C LYS F 65 -28.14 27.60 -14.48
N MET F 66 -27.23 27.88 -13.54
CA MET F 66 -27.59 28.38 -12.23
C MET F 66 -27.19 29.84 -12.04
N SER F 67 -28.02 30.56 -11.30
CA SER F 67 -27.75 31.96 -10.94
C SER F 67 -26.63 32.08 -9.92
N ALA F 68 -26.02 33.25 -9.83
CA ALA F 68 -25.00 33.53 -8.84
C ALA F 68 -25.50 33.22 -7.41
N GLU F 69 -26.73 33.59 -7.11
CA GLU F 69 -27.34 33.27 -5.82
C GLU F 69 -27.37 31.75 -5.58
N ASP F 70 -27.82 30.99 -6.58
CA ASP F 70 -27.91 29.53 -6.45
C ASP F 70 -26.53 28.92 -6.42
N LYS F 71 -25.62 29.45 -7.21
CA LYS F 71 -24.24 28.99 -7.23
C LYS F 71 -23.59 29.11 -5.85
N ALA F 72 -23.70 30.27 -5.26
CA ALA F 72 -23.13 30.51 -3.95
C ALA F 72 -23.68 29.57 -2.89
N LEU F 73 -24.99 29.35 -2.90
CA LEU F 73 -25.61 28.46 -1.94
C LEU F 73 -25.15 27.01 -2.13
N PHE F 74 -25.06 26.55 -3.38
CA PHE F 74 -24.57 25.20 -3.70
C PHE F 74 -23.13 25.07 -3.22
N ARG F 75 -22.37 26.16 -3.33
CA ARG F 75 -20.96 26.16 -2.94
C ARG F 75 -20.82 25.99 -1.44
N ARG F 76 -21.62 26.72 -0.68
CA ARG F 76 -21.73 26.55 0.75
C ARG F 76 -22.15 25.13 1.10
N CYS F 77 -23.07 24.57 0.34
CA CYS F 77 -23.52 23.20 0.59
C CYS F 77 -22.43 22.17 0.32
N ALA F 78 -21.69 22.39 -0.75
CA ALA F 78 -20.60 21.52 -1.10
C ALA F 78 -19.48 21.70 -0.09
N ALA F 79 -19.32 22.91 0.43
CA ALA F 79 -18.22 23.14 1.36
C ALA F 79 -18.56 22.53 2.68
N ASP F 80 -19.86 22.54 3.03
CA ASP F 80 -20.32 21.99 4.30
C ASP F 80 -20.20 20.46 4.33
N TYR F 81 -20.66 19.82 3.25
CA TYR F 81 -20.53 18.39 3.12
C TYR F 81 -19.08 17.89 3.04
N ALA F 82 -18.26 18.55 2.25
CA ALA F 82 -16.84 18.28 2.17
C ALA F 82 -16.24 18.28 3.58
N SER F 83 -16.68 19.25 4.39
CA SER F 83 -16.16 19.43 5.73
C SER F 83 -16.55 18.26 6.65
N ARG F 84 -17.79 17.80 6.54
CA ARG F 84 -18.25 16.56 7.21
C ARG F 84 -17.52 15.31 6.69
N LEU F 85 -17.22 15.29 5.40
CA LEU F 85 -16.68 14.12 4.78
C LEU F 85 -15.22 13.93 5.20
N HIS F 86 -14.46 15.01 5.13
CA HIS F 86 -13.06 14.93 5.42
C HIS F 86 -12.74 14.87 6.92
N SER F 87 -13.59 15.48 7.76
CA SER F 87 -13.48 15.26 9.19
C SER F 87 -13.56 13.76 9.51
N VAL F 88 -14.36 13.00 8.77
CA VAL F 88 -14.52 11.57 9.03
C VAL F 88 -13.43 10.70 8.41
N LEU F 89 -13.04 10.99 7.15
CA LEU F 89 -12.07 10.18 6.41
C LEU F 89 -10.62 10.51 6.77
N GLY F 90 -10.42 11.70 7.35
CA GLY F 90 -9.10 12.28 7.48
C GLY F 90 -8.68 13.06 6.25
N THR F 91 -7.43 13.53 6.21
CA THR F 91 -6.97 14.25 5.02
C THR F 91 -5.72 13.63 4.41
N ALA F 92 -5.62 12.32 4.56
CA ALA F 92 -4.60 11.55 3.88
C ALA F 92 -5.06 11.24 2.44
N ASN F 93 -4.93 12.25 1.60
CA ASN F 93 -5.43 12.17 0.23
C ASN F 93 -4.35 12.37 -0.83
N ALA F 94 -3.10 12.23 -0.42
CA ALA F 94 -1.96 12.22 -1.31
C ALA F 94 -2.13 11.30 -2.54
N PRO F 95 -1.54 11.72 -3.68
CA PRO F 95 -1.61 10.94 -4.93
C PRO F 95 -1.07 9.55 -4.76
N LEU F 96 -1.56 8.66 -5.58
CA LEU F 96 -1.15 7.30 -5.58
C LEU F 96 -0.06 7.22 -6.63
N SER F 97 0.93 6.36 -6.37
CA SER F 97 1.92 6.00 -7.38
C SER F 97 1.21 5.28 -8.53
N ILE F 98 1.84 5.24 -9.71
CA ILE F 98 1.36 4.45 -10.85
C ILE F 98 1.08 3.04 -10.33
N TYR F 99 2.04 2.48 -9.59
CA TYR F 99 1.91 1.14 -9.01
C TYR F 99 0.62 1.03 -8.23
N GLU F 100 0.49 1.86 -7.20
CA GLU F 100 -0.70 1.90 -6.37
C GLU F 100 -1.96 2.01 -7.22
N ALA F 101 -2.01 2.96 -8.14
CA ALA F 101 -3.20 3.20 -8.97
C ALA F 101 -3.65 1.96 -9.75
N ILE F 102 -2.65 1.17 -10.19
CA ILE F 102 -2.86 -0.05 -10.96
C ILE F 102 -3.28 -1.25 -10.08
N LYS F 103 -2.48 -1.51 -9.03
CA LYS F 103 -2.68 -2.67 -8.15
C LYS F 103 -3.72 -2.44 -7.06
N GLY F 104 -4.11 -1.20 -6.85
CA GLY F 104 -5.01 -0.83 -5.76
C GLY F 104 -4.29 -0.70 -4.44
N VAL F 105 -5.06 -0.39 -3.41
CA VAL F 105 -4.56 -0.28 -2.07
C VAL F 105 -5.67 -0.78 -1.20
N ASP F 106 -5.33 -1.08 0.03
CA ASP F 106 -6.29 -1.30 1.08
C ASP F 106 -7.60 -0.50 0.85
N GLY F 107 -8.58 -1.15 0.25
CA GLY F 107 -9.93 -0.59 0.08
C GLY F 107 -10.30 -0.20 -1.35
N LEU F 108 -9.39 -0.44 -2.30
CA LEU F 108 -9.63 -0.10 -3.68
C LEU F 108 -9.11 -1.20 -4.54
N ASP F 109 -10.02 -1.88 -5.28
CA ASP F 109 -9.62 -3.02 -6.12
C ASP F 109 -8.61 -2.59 -7.17
N ALA F 110 -7.95 -3.59 -7.78
CA ALA F 110 -6.96 -3.35 -8.82
C ALA F 110 -7.72 -2.86 -10.02
N MET F 111 -7.07 -2.17 -10.95
CA MET F 111 -7.72 -1.84 -12.20
C MET F 111 -7.98 -3.16 -12.94
N GLU F 112 -8.99 -3.18 -13.79
CA GLU F 112 -9.35 -4.38 -14.51
C GLU F 112 -8.43 -4.63 -15.69
N PRO F 113 -7.71 -5.76 -15.69
CA PRO F 113 -6.71 -6.06 -16.70
C PRO F 113 -7.23 -6.13 -18.13
N ASP F 114 -8.47 -6.54 -18.33
CA ASP F 114 -8.91 -6.86 -19.71
C ASP F 114 -10.28 -6.29 -20.12
N THR F 115 -10.72 -5.23 -19.45
CA THR F 115 -11.87 -4.45 -19.95
C THR F 115 -11.45 -3.55 -21.10
N ALA F 116 -12.44 -2.91 -21.73
CA ALA F 116 -12.24 -1.94 -22.80
C ALA F 116 -11.12 -0.95 -22.48
N PRO F 117 -10.22 -0.69 -23.43
CA PRO F 117 -9.17 0.30 -23.15
C PRO F 117 -9.53 1.77 -23.51
N GLY F 118 -10.62 1.98 -24.27
CA GLY F 118 -11.03 3.32 -24.65
C GLY F 118 -10.43 3.77 -25.98
N LEU F 119 -10.51 5.05 -26.27
CA LEU F 119 -10.02 5.61 -27.52
C LEU F 119 -8.70 6.34 -27.28
N PRO F 120 -7.82 6.38 -28.29
CA PRO F 120 -8.00 5.77 -29.62
C PRO F 120 -7.51 4.30 -29.67
N TRP F 121 -7.16 3.73 -28.52
CA TRP F 121 -6.62 2.38 -28.49
C TRP F 121 -7.54 1.32 -29.12
N ALA F 122 -8.85 1.57 -29.15
CA ALA F 122 -9.77 0.59 -29.65
C ALA F 122 -9.68 0.50 -31.18
N LEU F 123 -9.40 1.64 -31.81
CA LEU F 123 -9.22 1.74 -33.26
C LEU F 123 -7.85 1.25 -33.75
N GLN F 124 -7.00 0.78 -32.85
CA GLN F 124 -5.69 0.22 -33.22
C GLN F 124 -5.60 -1.25 -32.78
N GLY F 125 -6.76 -1.84 -32.47
CA GLY F 125 -6.86 -3.20 -31.93
C GLY F 125 -6.03 -3.44 -30.67
N LYS F 126 -5.49 -2.39 -30.07
CA LYS F 126 -4.71 -2.61 -28.87
C LYS F 126 -5.67 -2.89 -27.73
N ARG F 127 -5.24 -3.78 -26.83
CA ARG F 127 -6.01 -4.15 -25.65
C ARG F 127 -5.30 -3.49 -24.46
N ARG F 128 -6.00 -3.38 -23.33
CA ARG F 128 -5.47 -2.75 -22.15
C ARG F 128 -4.08 -3.28 -21.78
N GLY F 129 -3.90 -4.59 -21.87
CA GLY F 129 -2.63 -5.21 -21.48
C GLY F 129 -1.49 -4.96 -22.48
N ALA F 130 -1.82 -4.44 -23.66
CA ALA F 130 -0.79 -4.01 -24.61
C ALA F 130 -0.18 -2.66 -24.18
N LEU F 131 -0.78 -2.03 -23.18
CA LEU F 131 -0.42 -0.67 -22.82
C LEU F 131 0.06 -0.58 -21.37
N ILE F 132 -0.36 -1.53 -20.55
CA ILE F 132 -0.07 -1.49 -19.13
C ILE F 132 0.29 -2.90 -18.67
N ASP F 133 1.15 -2.99 -17.67
CA ASP F 133 1.51 -4.24 -17.11
C ASP F 133 0.84 -4.32 -15.75
N PHE F 134 -0.22 -5.13 -15.70
CA PHE F 134 -1.03 -5.32 -14.48
C PHE F 134 -0.44 -6.32 -13.48
N GLU F 135 0.49 -7.17 -13.90
CA GLU F 135 1.16 -7.98 -12.89
C GLU F 135 2.11 -7.11 -12.10
N ASN F 136 2.85 -6.26 -12.80
CA ASN F 136 3.90 -5.43 -12.18
C ASN F 136 3.57 -4.00 -11.76
N GLY F 137 2.49 -3.43 -12.31
CA GLY F 137 2.09 -2.05 -11.96
C GLY F 137 2.88 -0.92 -12.60
N THR F 138 3.18 -1.07 -13.88
CA THR F 138 3.99 -0.13 -14.65
C THR F 138 3.27 0.14 -15.96
N VAL F 139 3.60 1.25 -16.61
CA VAL F 139 2.92 1.67 -17.83
C VAL F 139 3.84 1.65 -19.05
N GLY F 140 3.29 1.23 -20.18
CA GLY F 140 4.05 1.29 -21.42
C GLY F 140 4.24 2.75 -21.80
N PRO F 141 4.97 3.00 -22.90
CA PRO F 141 5.36 4.37 -23.24
C PRO F 141 4.22 5.26 -23.77
N GLU F 142 3.20 4.66 -24.38
CA GLU F 142 2.04 5.41 -24.86
C GLU F 142 1.24 6.06 -23.72
N VAL F 143 1.26 5.41 -22.57
CA VAL F 143 0.51 5.88 -21.42
C VAL F 143 1.35 6.87 -20.62
N GLU F 144 2.64 6.55 -20.46
CA GLU F 144 3.58 7.45 -19.81
C GLU F 144 3.57 8.83 -20.45
N ALA F 145 3.51 8.86 -21.79
CA ALA F 145 3.52 10.13 -22.50
C ALA F 145 2.21 10.85 -22.26
N ALA F 146 1.11 10.11 -22.14
CA ALA F 146 -0.22 10.70 -21.88
C ALA F 146 -0.24 11.29 -20.50
N LEU F 147 0.21 10.50 -19.52
CA LEU F 147 0.41 10.99 -18.17
C LEU F 147 1.09 12.35 -18.19
N LYS F 148 2.10 12.46 -19.05
CA LYS F 148 2.90 13.65 -19.10
C LYS F 148 2.05 14.81 -19.60
N LEU F 149 1.21 14.57 -20.59
CA LEU F 149 0.28 15.60 -21.05
C LEU F 149 -0.81 15.92 -20.00
N MET F 150 -0.93 15.05 -19.00
CA MET F 150 -1.89 15.30 -17.96
C MET F 150 -1.28 16.11 -16.82
N GLU F 151 -0.04 15.78 -16.45
CA GLU F 151 0.67 16.55 -15.43
C GLU F 151 0.81 17.98 -15.95
N LYS F 152 0.80 18.10 -17.27
CA LYS F 152 0.92 19.39 -17.96
C LYS F 152 -0.46 20.04 -18.21
N ARG F 153 -1.55 19.34 -17.85
CA ARG F 153 -2.93 19.78 -18.12
C ARG F 153 -3.22 20.09 -19.61
N GLU F 154 -2.68 19.27 -20.51
CA GLU F 154 -2.89 19.48 -21.95
C GLU F 154 -3.58 18.28 -22.61
N TYR F 155 -3.81 17.22 -21.84
CA TYR F 155 -4.41 16.00 -22.33
C TYR F 155 -5.84 16.19 -22.82
N LYS F 156 -6.14 15.58 -23.94
CA LYS F 156 -7.46 15.66 -24.55
C LYS F 156 -7.90 14.25 -24.87
N PHE F 157 -9.22 14.04 -24.91
CA PHE F 157 -9.75 12.70 -25.11
C PHE F 157 -11.18 12.68 -25.62
N ALA F 158 -11.58 11.48 -26.04
CA ALA F 158 -12.94 11.20 -26.45
C ALA F 158 -13.49 9.98 -25.73
N CYS F 159 -14.77 10.03 -25.43
CA CYS F 159 -15.46 8.92 -24.82
C CYS F 159 -15.97 7.97 -25.89
N GLN F 160 -15.84 6.67 -25.64
CA GLN F 160 -16.37 5.66 -26.55
C GLN F 160 -17.72 5.20 -26.03
N THR F 161 -18.74 5.40 -26.84
CA THR F 161 -20.09 4.94 -26.54
C THR F 161 -20.24 3.44 -26.79
N PHE F 162 -20.62 2.68 -25.77
CA PHE F 162 -21.04 1.29 -25.94
C PHE F 162 -22.50 1.18 -25.57
N LEU F 163 -23.25 0.33 -26.27
CA LEU F 163 -24.61 -0.01 -25.83
C LEU F 163 -24.54 -1.01 -24.69
N LYS F 164 -25.42 -0.89 -23.72
CA LYS F 164 -25.37 -1.83 -22.63
C LYS F 164 -26.22 -3.05 -22.95
N ASP F 165 -25.53 -4.19 -23.05
CA ASP F 165 -26.18 -5.46 -23.21
C ASP F 165 -26.64 -5.96 -21.85
N GLU F 166 -27.94 -5.94 -21.65
CA GLU F 166 -28.53 -6.25 -20.37
C GLU F 166 -30.03 -6.51 -20.49
N ILE F 167 -30.61 -7.05 -19.43
CA ILE F 167 -32.04 -7.30 -19.34
C ILE F 167 -32.78 -6.01 -18.96
N ARG F 168 -33.95 -5.79 -19.56
CA ARG F 168 -34.72 -4.57 -19.31
C ARG F 168 -36.20 -4.89 -19.26
N PRO F 169 -37.01 -4.00 -18.66
CA PRO F 169 -38.46 -4.12 -18.82
C PRO F 169 -38.80 -4.15 -20.30
N MET F 170 -39.77 -4.99 -20.66
CA MET F 170 -40.21 -5.08 -22.03
C MET F 170 -40.67 -3.73 -22.56
N GLU F 171 -41.50 -3.05 -21.77
CA GLU F 171 -41.97 -1.73 -22.13
C GLU F 171 -40.80 -0.89 -22.65
N LYS F 172 -39.74 -0.78 -21.84
CA LYS F 172 -38.57 0.04 -22.15
C LYS F 172 -37.76 -0.49 -23.35
N VAL F 173 -37.71 -1.82 -23.48
CA VAL F 173 -37.06 -2.47 -24.62
C VAL F 173 -37.82 -2.08 -25.87
N ARG F 174 -39.14 -2.21 -25.83
CA ARG F 174 -39.97 -1.90 -26.96
C ARG F 174 -39.93 -0.39 -27.31
N ALA F 175 -39.41 0.42 -26.38
CA ALA F 175 -39.30 1.86 -26.56
C ALA F 175 -37.94 2.30 -27.11
N GLY F 176 -36.95 1.43 -27.01
CA GLY F 176 -35.60 1.74 -27.49
C GLY F 176 -34.77 2.36 -26.39
N LYS F 177 -35.19 2.18 -25.16
CA LYS F 177 -34.47 2.71 -24.01
C LYS F 177 -33.32 1.80 -23.55
N THR F 178 -32.43 1.52 -24.49
CA THR F 178 -31.14 0.89 -24.26
C THR F 178 -30.23 1.94 -23.63
N ARG F 179 -29.53 1.56 -22.57
CA ARG F 179 -28.65 2.48 -21.88
C ARG F 179 -27.29 2.44 -22.54
N ILE F 180 -26.49 3.46 -22.29
CA ILE F 180 -25.17 3.53 -22.91
C ILE F 180 -24.10 3.65 -21.87
N VAL F 181 -22.92 3.13 -22.18
CA VAL F 181 -21.76 3.23 -21.32
C VAL F 181 -20.73 4.12 -21.98
N ASP F 182 -20.19 5.08 -21.24
CA ASP F 182 -19.24 6.05 -21.77
C ASP F 182 -17.80 5.68 -21.41
N VAL F 183 -17.19 4.88 -22.28
CA VAL F 183 -15.86 4.34 -22.01
C VAL F 183 -14.73 5.34 -22.23
N LEU F 184 -14.01 5.64 -21.15
CA LEU F 184 -12.92 6.61 -21.16
C LEU F 184 -11.57 5.94 -21.36
N PRO F 185 -10.57 6.70 -21.84
CA PRO F 185 -9.29 6.11 -22.15
C PRO F 185 -8.68 5.63 -20.87
N VAL F 186 -8.05 4.46 -20.94
CA VAL F 186 -7.54 3.83 -19.75
C VAL F 186 -6.48 4.67 -19.03
N GLU F 187 -5.86 5.63 -19.70
CA GLU F 187 -4.92 6.51 -19.03
C GLU F 187 -5.66 7.55 -18.18
N HIS F 188 -6.79 8.03 -18.66
CA HIS F 188 -7.63 8.91 -17.84
C HIS F 188 -8.07 8.23 -16.52
N ILE F 189 -8.54 7.00 -16.61
CA ILE F 189 -8.91 6.26 -15.44
C ILE F 189 -7.72 6.09 -14.47
N LEU F 190 -6.58 5.63 -14.99
CA LEU F 190 -5.35 5.52 -14.19
C LEU F 190 -5.00 6.81 -13.44
N TYR F 191 -4.97 7.93 -14.17
CA TYR F 191 -4.59 9.20 -13.60
C TYR F 191 -5.59 9.71 -12.54
N THR F 192 -6.87 9.55 -12.80
CA THR F 192 -7.87 9.91 -11.83
C THR F 192 -7.64 9.12 -10.56
N ARG F 193 -7.36 7.83 -10.71
CA ARG F 193 -7.08 6.99 -9.55
C ARG F 193 -5.86 7.47 -8.83
N MET F 194 -4.86 7.91 -9.58
CA MET F 194 -3.66 8.50 -8.97
C MET F 194 -4.04 9.75 -8.18
N MET F 195 -4.92 10.56 -8.75
CA MET F 195 -5.35 11.80 -8.13
C MET F 195 -6.30 11.63 -6.95
N ILE F 196 -7.22 10.66 -7.00
CA ILE F 196 -8.26 10.57 -5.95
C ILE F 196 -8.55 9.15 -5.40
N GLY F 197 -7.76 8.17 -5.84
CA GLY F 197 -7.92 6.79 -5.38
C GLY F 197 -7.75 6.64 -3.88
N ARG F 198 -6.85 7.39 -3.28
CA ARG F 198 -6.64 7.17 -1.85
C ARG F 198 -7.89 7.60 -1.10
N PHE F 199 -8.37 8.82 -1.34
CA PHE F 199 -9.73 9.25 -0.98
C PHE F 199 -10.83 8.23 -1.29
N CYS F 200 -10.91 7.77 -2.52
CA CYS F 200 -11.88 6.74 -2.83
C CYS F 200 -11.79 5.56 -1.89
N ALA F 201 -10.58 5.12 -1.59
CA ALA F 201 -10.34 3.94 -0.75
C ALA F 201 -10.91 4.17 0.63
N GLN F 202 -10.73 5.40 1.09
CA GLN F 202 -11.19 5.76 2.40
C GLN F 202 -12.71 5.90 2.46
N MET F 203 -13.29 6.25 1.32
CA MET F 203 -14.73 6.29 1.17
C MET F 203 -15.25 4.88 1.31
N HIS F 204 -14.71 3.94 0.55
CA HIS F 204 -15.22 2.59 0.61
C HIS F 204 -15.24 2.05 2.06
N SER F 205 -14.14 2.23 2.78
CA SER F 205 -13.94 1.68 4.12
C SER F 205 -14.79 2.37 5.16
N ASN F 206 -15.19 3.61 4.87
CA ASN F 206 -16.04 4.32 5.81
C ASN F 206 -17.49 4.46 5.33
N ASN F 207 -17.94 3.53 4.49
CA ASN F 207 -19.29 3.61 3.97
C ASN F 207 -20.29 3.56 5.13
N GLY F 208 -21.35 4.34 5.06
CA GLY F 208 -22.32 4.45 6.13
C GLY F 208 -23.12 5.75 6.07
N PRO F 209 -24.19 5.85 6.86
CA PRO F 209 -24.95 7.11 6.78
C PRO F 209 -24.13 8.30 7.22
N GLN F 210 -23.13 8.09 8.08
CA GLN F 210 -22.33 9.22 8.61
C GLN F 210 -21.78 10.00 7.43
N ILE F 211 -21.26 9.32 6.41
CA ILE F 211 -20.80 10.03 5.19
C ILE F 211 -21.83 10.04 4.06
N GLY F 212 -22.98 9.43 4.28
CA GLY F 212 -24.05 9.43 3.29
C GLY F 212 -23.71 8.62 2.05
N SER F 213 -22.84 7.63 2.22
CA SER F 213 -22.41 6.83 1.09
C SER F 213 -22.43 5.34 1.40
N ALA F 214 -22.92 4.54 0.44
CA ALA F 214 -22.93 3.09 0.58
C ALA F 214 -22.00 2.39 -0.41
N VAL F 215 -21.23 3.15 -1.16
CA VAL F 215 -20.28 2.58 -2.09
C VAL F 215 -19.25 1.82 -1.27
N GLY F 216 -18.94 0.60 -1.70
CA GLY F 216 -18.08 -0.25 -0.88
C GLY F 216 -18.77 -1.11 0.19
N CYS F 217 -20.08 -0.91 0.43
CA CYS F 217 -20.86 -1.75 1.35
C CYS F 217 -21.12 -3.15 0.78
N ASN F 218 -21.49 -4.07 1.65
CA ASN F 218 -21.90 -5.40 1.26
C ASN F 218 -23.28 -5.64 1.86
N PRO F 219 -24.31 -5.62 1.03
CA PRO F 219 -25.68 -5.64 1.57
C PRO F 219 -25.95 -6.74 2.61
N ASP F 220 -25.45 -7.95 2.35
CA ASP F 220 -25.60 -9.07 3.27
C ASP F 220 -25.32 -8.75 4.71
N VAL F 221 -24.19 -8.10 4.98
CA VAL F 221 -23.83 -7.84 6.35
C VAL F 221 -24.16 -6.42 6.75
N ASP F 222 -24.23 -5.52 5.76
CA ASP F 222 -24.47 -4.08 6.02
C ASP F 222 -25.95 -3.71 6.21
N TRP F 223 -26.84 -4.57 5.74
CA TRP F 223 -28.26 -4.30 5.93
C TRP F 223 -28.64 -4.17 7.41
N GLN F 224 -27.99 -4.93 8.29
CA GLN F 224 -28.24 -4.84 9.71
C GLN F 224 -27.89 -3.44 10.24
N ARG F 225 -26.68 -2.97 9.92
CA ARG F 225 -26.27 -1.61 10.24
C ARG F 225 -27.26 -0.55 9.69
N PHE F 226 -27.65 -0.68 8.43
CA PHE F 226 -28.44 0.37 7.78
C PHE F 226 -29.86 0.33 8.27
N GLY F 227 -30.39 -0.87 8.39
CA GLY F 227 -31.73 -1.03 8.94
C GLY F 227 -31.85 -0.38 10.29
N THR F 228 -30.94 -0.71 11.21
CA THR F 228 -31.14 -0.26 12.57
C THR F 228 -31.06 1.24 12.65
N HIS F 229 -30.20 1.82 11.80
CA HIS F 229 -30.01 3.27 11.79
C HIS F 229 -31.25 4.00 11.33
N PHE F 230 -31.83 3.56 10.22
CA PHE F 230 -32.98 4.27 9.67
C PHE F 230 -34.26 3.97 10.41
N ALA F 231 -34.26 2.86 11.14
CA ALA F 231 -35.43 2.47 11.90
C ALA F 231 -35.80 3.55 12.93
N GLN F 232 -34.82 4.35 13.33
CA GLN F 232 -35.02 5.22 14.47
C GLN F 232 -35.48 6.64 14.12
N TYR F 233 -36.01 6.81 12.90
CA TYR F 233 -36.47 8.10 12.39
C TYR F 233 -37.96 8.08 12.06
N ARG F 234 -38.63 9.21 12.31
CA ARG F 234 -40.08 9.30 12.16
C ARG F 234 -40.49 9.25 10.68
N ASN F 235 -39.59 9.67 9.82
CA ASN F 235 -39.86 9.72 8.38
C ASN F 235 -38.72 9.16 7.53
N VAL F 236 -39.07 8.40 6.51
CA VAL F 236 -38.08 7.81 5.65
C VAL F 236 -38.59 7.98 4.24
N TRP F 237 -37.76 8.53 3.37
CA TRP F 237 -38.16 8.70 1.98
C TRP F 237 -37.33 7.85 1.02
N ASP F 238 -38.02 7.22 0.07
CA ASP F 238 -37.42 6.53 -1.08
C ASP F 238 -37.56 7.50 -2.23
N VAL F 239 -36.47 8.08 -2.70
CA VAL F 239 -36.55 9.14 -3.72
C VAL F 239 -36.00 8.67 -5.06
N ASP F 240 -36.76 8.84 -6.12
CA ASP F 240 -36.30 8.50 -7.44
C ASP F 240 -35.98 9.75 -8.21
N TYR F 241 -34.78 9.77 -8.78
CA TYR F 241 -34.42 10.74 -9.78
C TYR F 241 -34.78 10.17 -11.15
N SER F 242 -34.83 11.06 -12.13
CA SER F 242 -34.98 10.68 -13.52
C SER F 242 -33.70 11.08 -14.23
N ALA F 243 -32.97 10.10 -14.76
CA ALA F 243 -31.72 10.38 -15.49
C ALA F 243 -30.76 11.29 -14.69
N PHE F 244 -30.45 10.83 -13.49
CA PHE F 244 -29.59 11.53 -12.53
C PHE F 244 -28.24 11.88 -13.12
N ASP F 245 -27.56 10.86 -13.61
CA ASP F 245 -26.22 10.98 -14.18
C ASP F 245 -26.11 12.02 -15.31
N ALA F 246 -27.09 12.03 -16.22
CA ALA F 246 -27.02 12.91 -17.39
C ALA F 246 -27.37 14.34 -17.05
N ASN F 247 -28.18 14.52 -16.02
CA ASN F 247 -28.69 15.84 -15.70
C ASN F 247 -27.89 16.65 -14.69
N HIS F 248 -26.73 16.14 -14.27
CA HIS F 248 -25.83 16.93 -13.45
C HIS F 248 -25.47 18.14 -14.29
N CYS F 249 -25.56 19.34 -13.74
CA CYS F 249 -25.27 20.51 -14.57
C CYS F 249 -23.83 20.98 -14.42
N SER F 250 -23.26 21.47 -15.51
CA SER F 250 -21.93 22.12 -15.51
C SER F 250 -21.57 22.84 -14.20
N ASP F 251 -22.46 23.72 -13.74
CA ASP F 251 -22.22 24.54 -12.56
C ASP F 251 -22.10 23.69 -11.30
N ALA F 252 -23.10 22.84 -11.05
CA ALA F 252 -23.05 21.86 -9.95
C ALA F 252 -21.72 21.08 -9.96
N MET F 253 -21.43 20.46 -11.10
CA MET F 253 -20.21 19.67 -11.24
C MET F 253 -18.98 20.48 -10.92
N ASN F 254 -18.78 21.58 -11.64
CA ASN F 254 -17.60 22.43 -11.45
C ASN F 254 -17.44 22.90 -10.01
N ILE F 255 -18.54 23.35 -9.39
CA ILE F 255 -18.47 23.84 -8.01
C ILE F 255 -18.18 22.68 -7.04
N MET F 256 -18.84 21.54 -7.21
CA MET F 256 -18.53 20.40 -6.35
C MET F 256 -17.04 20.07 -6.42
N PHE F 257 -16.50 19.95 -7.63
CA PHE F 257 -15.11 19.64 -7.77
C PHE F 257 -14.23 20.68 -7.08
N GLU F 258 -14.63 21.95 -7.13
CA GLU F 258 -13.83 22.99 -6.52
C GLU F 258 -13.86 22.92 -5.00
N GLU F 259 -15.00 22.56 -4.42
CA GLU F 259 -15.15 22.50 -2.98
C GLU F 259 -14.63 21.22 -2.32
N VAL F 260 -14.82 20.08 -2.98
CA VAL F 260 -14.51 18.80 -2.37
C VAL F 260 -13.03 18.37 -2.50
N PHE F 261 -12.37 18.76 -3.60
CA PHE F 261 -11.04 18.24 -3.92
C PHE F 261 -9.92 19.29 -3.81
N ARG F 262 -10.07 20.14 -2.80
CA ARG F 262 -9.17 21.23 -2.53
C ARG F 262 -7.83 20.72 -2.03
N THR F 263 -6.76 21.45 -2.36
CA THR F 263 -5.43 21.05 -1.93
C THR F 263 -5.33 21.09 -0.41
N GLU F 264 -5.99 22.06 0.20
CA GLU F 264 -6.08 22.10 1.65
C GLU F 264 -6.64 20.78 2.21
N PHE F 265 -7.26 19.94 1.38
CA PHE F 265 -7.72 18.63 1.85
C PHE F 265 -6.73 17.51 1.61
N GLY F 266 -5.58 17.87 1.06
CA GLY F 266 -4.50 16.92 0.88
C GLY F 266 -4.39 16.49 -0.55
N PHE F 267 -5.35 16.92 -1.38
CA PHE F 267 -5.36 16.57 -2.80
C PHE F 267 -4.28 17.29 -3.58
N HIS F 268 -3.75 16.58 -4.59
CA HIS F 268 -2.90 17.17 -5.59
C HIS F 268 -3.72 18.18 -6.39
N PRO F 269 -3.12 19.33 -6.77
CA PRO F 269 -3.89 20.36 -7.51
C PRO F 269 -4.55 19.86 -8.79
N ASN F 270 -4.06 18.76 -9.34
CA ASN F 270 -4.59 18.26 -10.58
C ASN F 270 -5.76 17.29 -10.34
N ALA F 271 -6.10 17.09 -9.08
CA ALA F 271 -7.34 16.36 -8.81
C ALA F 271 -8.53 17.15 -9.36
N GLU F 272 -8.60 18.44 -9.04
CA GLU F 272 -9.69 19.27 -9.54
C GLU F 272 -9.71 19.21 -11.06
N TRP F 273 -8.53 19.37 -11.66
CA TRP F 273 -8.43 19.46 -13.10
C TRP F 273 -8.88 18.17 -13.82
N ILE F 274 -8.38 17.02 -13.38
CA ILE F 274 -8.79 15.79 -14.03
C ILE F 274 -10.30 15.59 -13.95
N LEU F 275 -10.89 15.92 -12.82
CA LEU F 275 -12.35 15.83 -12.66
C LEU F 275 -13.11 16.75 -13.61
N LYS F 276 -12.60 17.96 -13.79
CA LYS F 276 -13.30 18.95 -14.60
C LYS F 276 -13.37 18.58 -16.08
N THR F 277 -12.48 17.70 -16.52
CA THR F 277 -12.49 17.21 -17.91
C THR F 277 -13.72 16.33 -18.22
N LEU F 278 -14.52 16.02 -17.20
CA LEU F 278 -15.71 15.23 -17.38
C LEU F 278 -16.92 16.10 -17.68
N VAL F 279 -16.74 17.42 -17.52
CA VAL F 279 -17.84 18.36 -17.71
C VAL F 279 -18.21 18.49 -19.18
N ASN F 280 -17.22 18.75 -20.01
CA ASN F 280 -17.40 18.92 -21.45
C ASN F 280 -16.73 17.77 -22.17
N THR F 281 -17.54 16.95 -22.84
CA THR F 281 -17.01 15.72 -23.41
C THR F 281 -17.33 15.52 -24.88
N GLU F 282 -16.45 14.80 -25.57
CA GLU F 282 -16.72 14.28 -26.90
C GLU F 282 -17.02 12.79 -26.81
N HIS F 283 -18.11 12.41 -27.47
CA HIS F 283 -18.55 11.02 -27.51
C HIS F 283 -18.54 10.45 -28.92
N ALA F 284 -17.82 9.34 -29.04
CA ALA F 284 -17.70 8.67 -30.33
C ALA F 284 -18.69 7.51 -30.44
N TYR F 285 -19.56 7.58 -31.43
CA TYR F 285 -20.51 6.51 -31.62
C TYR F 285 -20.73 6.27 -33.09
N GLU F 286 -20.27 5.11 -33.55
CA GLU F 286 -20.34 4.74 -34.96
C GLU F 286 -19.57 5.76 -35.80
N ASN F 287 -20.26 6.41 -36.73
CA ASN F 287 -19.66 7.51 -37.48
C ASN F 287 -19.78 8.85 -36.73
N LYS F 288 -20.71 8.91 -35.76
CA LYS F 288 -21.07 10.17 -35.09
C LYS F 288 -20.08 10.66 -34.01
N ARG F 289 -19.99 11.98 -33.89
CA ARG F 289 -19.23 12.62 -32.82
C ARG F 289 -20.09 13.66 -32.11
N ILE F 290 -20.56 13.31 -30.92
CA ILE F 290 -21.47 14.16 -30.16
C ILE F 290 -20.71 14.96 -29.08
N THR F 291 -20.70 16.29 -29.23
CA THR F 291 -20.10 17.17 -28.23
C THR F 291 -21.16 17.54 -27.19
N VAL F 292 -20.88 17.14 -25.94
CA VAL F 292 -21.82 17.30 -24.84
C VAL F 292 -21.25 18.22 -23.75
N GLU F 293 -22.13 19.07 -23.24
CA GLU F 293 -21.81 19.92 -22.10
C GLU F 293 -22.66 19.46 -20.92
N GLY F 294 -22.00 19.09 -19.82
CA GLY F 294 -22.71 18.65 -18.65
C GLY F 294 -22.96 17.15 -18.67
N GLY F 295 -23.32 16.63 -17.50
CA GLY F 295 -23.53 15.20 -17.31
C GLY F 295 -22.30 14.49 -16.79
N MET F 296 -22.51 13.36 -16.16
CA MET F 296 -21.41 12.52 -15.76
C MET F 296 -21.32 11.36 -16.75
N PRO F 297 -20.13 11.11 -17.30
CA PRO F 297 -19.95 9.90 -18.10
C PRO F 297 -19.99 8.67 -17.21
N SER F 298 -20.78 7.66 -17.63
CA SER F 298 -20.85 6.41 -16.88
C SER F 298 -19.60 5.66 -17.20
N GLY F 299 -18.85 5.20 -16.20
CA GLY F 299 -17.65 4.49 -16.62
C GLY F 299 -16.43 5.36 -16.87
N CYS F 300 -16.36 6.44 -16.14
CA CYS F 300 -15.08 7.02 -15.85
C CYS F 300 -14.83 6.54 -14.44
N SER F 301 -13.57 6.50 -14.05
CA SER F 301 -13.18 6.14 -12.70
C SER F 301 -13.95 7.00 -11.68
N ALA F 302 -14.30 6.40 -10.53
CA ALA F 302 -14.94 7.15 -9.44
C ALA F 302 -16.33 7.69 -9.82
N THR F 303 -16.87 7.26 -10.94
CA THR F 303 -18.21 7.68 -11.34
C THR F 303 -19.27 7.55 -10.24
N SER F 304 -19.29 6.43 -9.50
CA SER F 304 -20.31 6.21 -8.45
C SER F 304 -20.11 7.12 -7.24
N ILE F 305 -18.84 7.34 -6.90
CA ILE F 305 -18.48 8.17 -5.78
C ILE F 305 -18.83 9.62 -6.06
N ILE F 306 -18.56 10.07 -7.26
CA ILE F 306 -18.88 11.43 -7.62
C ILE F 306 -20.39 11.64 -7.62
N ASN F 307 -21.11 10.68 -8.20
CA ASN F 307 -22.57 10.67 -8.13
C ASN F 307 -23.12 10.70 -6.72
N THR F 308 -22.50 9.91 -5.84
CA THR F 308 -22.89 9.88 -4.44
C THR F 308 -22.66 11.22 -3.76
N ILE F 309 -21.49 11.79 -3.98
CA ILE F 309 -21.19 13.11 -3.45
C ILE F 309 -22.22 14.15 -3.94
N LEU F 310 -22.49 14.18 -5.24
CA LEU F 310 -23.46 15.13 -5.75
C LEU F 310 -24.82 14.92 -5.08
N ASN F 311 -25.22 13.66 -4.95
CA ASN F 311 -26.49 13.33 -4.36
C ASN F 311 -26.60 13.91 -2.98
N ASN F 312 -25.58 13.70 -2.17
CA ASN F 312 -25.53 14.30 -0.84
C ASN F 312 -25.68 15.82 -0.85
N ILE F 313 -25.02 16.48 -1.79
CA ILE F 313 -25.02 17.93 -1.84
C ILE F 313 -26.38 18.44 -2.33
N TYR F 314 -27.01 17.73 -3.26
CA TYR F 314 -28.35 18.12 -3.76
C TYR F 314 -29.43 18.14 -2.67
N VAL F 315 -29.45 17.14 -1.82
CA VAL F 315 -30.40 17.09 -0.72
C VAL F 315 -30.21 18.30 0.22
N LEU F 316 -28.96 18.59 0.54
CA LEU F 316 -28.63 19.68 1.43
C LEU F 316 -29.05 21.01 0.82
N TYR F 317 -28.64 21.23 -0.42
CA TYR F 317 -29.02 22.39 -1.21
C TYR F 317 -30.56 22.56 -1.28
N ALA F 318 -31.27 21.53 -1.73
CA ALA F 318 -32.71 21.61 -1.96
C ALA F 318 -33.42 22.00 -0.71
N LEU F 319 -33.00 21.44 0.44
CA LEU F 319 -33.65 21.73 1.72
C LEU F 319 -33.29 23.12 2.18
N ARG F 320 -32.03 23.50 2.02
CA ARG F 320 -31.65 24.83 2.42
C ARG F 320 -32.31 25.88 1.56
N ARG F 321 -32.65 25.50 0.32
CA ARG F 321 -33.25 26.46 -0.60
C ARG F 321 -34.67 26.77 -0.22
N HIS F 322 -35.23 25.90 0.63
CA HIS F 322 -36.61 25.98 1.01
C HIS F 322 -36.81 26.37 2.46
N TYR F 323 -36.01 25.76 3.33
CA TYR F 323 -36.19 25.94 4.75
C TYR F 323 -34.98 26.67 5.27
N GLU F 324 -35.12 27.27 6.45
CA GLU F 324 -34.00 27.94 7.10
C GLU F 324 -33.43 27.08 8.24
N GLY F 325 -32.21 27.39 8.67
CA GLY F 325 -31.61 26.68 9.78
C GLY F 325 -31.48 25.20 9.50
N VAL F 326 -31.38 24.83 8.22
CA VAL F 326 -31.17 23.43 7.86
C VAL F 326 -29.69 23.08 7.88
N GLU F 327 -29.31 22.15 8.77
CA GLU F 327 -27.93 21.73 8.87
C GLU F 327 -27.82 20.26 8.54
N LEU F 328 -26.59 19.75 8.53
CA LEU F 328 -26.30 18.38 8.10
C LEU F 328 -27.01 17.37 8.96
N ASP F 329 -27.33 17.75 10.19
CA ASP F 329 -28.04 16.85 11.07
C ASP F 329 -29.56 17.04 11.11
N THR F 330 -30.11 17.93 10.29
CA THR F 330 -31.57 18.05 10.14
C THR F 330 -32.14 16.73 9.57
N TYR F 331 -31.26 15.92 9.00
CA TYR F 331 -31.67 14.70 8.33
C TYR F 331 -30.50 13.75 8.25
N THR F 332 -30.75 12.55 7.75
CA THR F 332 -29.73 11.58 7.48
C THR F 332 -30.01 10.94 6.13
N MET F 333 -28.97 10.57 5.43
CA MET F 333 -29.19 9.86 4.17
C MET F 333 -28.07 8.90 3.87
N ILE F 334 -28.33 7.99 2.93
CA ILE F 334 -27.27 7.20 2.38
C ILE F 334 -27.58 7.04 0.91
N SER F 335 -26.50 7.00 0.13
CA SER F 335 -26.61 7.09 -1.29
C SER F 335 -25.64 6.12 -1.99
N TYR F 336 -26.04 5.63 -3.13
CA TYR F 336 -25.14 4.89 -3.98
C TYR F 336 -25.44 5.37 -5.39
N GLY F 337 -24.61 6.31 -5.84
CA GLY F 337 -24.93 7.11 -7.03
C GLY F 337 -26.31 7.74 -6.91
N ASP F 338 -27.17 7.47 -7.89
CA ASP F 338 -28.53 8.02 -7.86
C ASP F 338 -29.40 7.44 -6.72
N ASP F 339 -29.18 6.18 -6.37
CA ASP F 339 -30.00 5.49 -5.37
C ASP F 339 -29.85 6.12 -3.98
N ILE F 340 -30.96 6.36 -3.29
CA ILE F 340 -30.92 7.12 -2.06
C ILE F 340 -32.07 6.79 -1.09
N VAL F 341 -31.73 6.63 0.18
CA VAL F 341 -32.67 6.71 1.27
C VAL F 341 -32.33 7.98 2.11
N VAL F 342 -33.37 8.77 2.46
CA VAL F 342 -33.25 9.97 3.31
C VAL F 342 -34.15 9.71 4.49
N ALA F 343 -33.81 10.24 5.65
CA ALA F 343 -34.67 10.14 6.81
C ALA F 343 -34.45 11.35 7.71
N SER F 344 -35.43 11.63 8.58
CA SER F 344 -35.44 12.80 9.43
C SER F 344 -36.61 12.67 10.36
N ASP F 345 -36.51 13.31 11.53
CA ASP F 345 -37.65 13.40 12.46
C ASP F 345 -38.53 14.60 12.14
N TYR F 346 -37.93 15.58 11.49
CA TYR F 346 -38.65 16.74 11.01
C TYR F 346 -39.62 16.24 9.96
N ASP F 347 -40.77 16.90 9.84
CA ASP F 347 -41.76 16.48 8.88
C ASP F 347 -41.52 17.15 7.53
N LEU F 348 -40.37 16.86 6.92
CA LEU F 348 -39.95 17.50 5.66
C LEU F 348 -40.92 17.23 4.50
N ASP F 349 -41.02 18.21 3.61
CA ASP F 349 -41.96 18.15 2.53
C ASP F 349 -41.23 18.07 1.19
N PHE F 350 -41.06 16.84 0.75
CA PHE F 350 -40.31 16.59 -0.47
C PHE F 350 -41.09 17.05 -1.67
N GLU F 351 -42.41 17.07 -1.52
CA GLU F 351 -43.26 17.57 -2.56
C GLU F 351 -42.83 18.98 -2.83
N ALA F 352 -42.71 19.78 -1.77
CA ALA F 352 -42.27 21.17 -1.91
C ALA F 352 -40.85 21.27 -2.51
N LEU F 353 -40.04 20.23 -2.37
CA LEU F 353 -38.66 20.28 -2.85
C LEU F 353 -38.49 20.17 -4.37
N LYS F 354 -39.42 19.53 -5.06
CA LYS F 354 -39.29 19.34 -6.51
C LYS F 354 -38.63 20.50 -7.28
N PRO F 355 -39.18 21.73 -7.14
CA PRO F 355 -38.58 22.85 -7.86
C PRO F 355 -37.14 23.21 -7.43
N HIS F 356 -36.75 22.87 -6.21
CA HIS F 356 -35.39 23.15 -5.76
C HIS F 356 -34.38 22.22 -6.40
N PHE F 357 -34.68 20.93 -6.37
CA PHE F 357 -33.96 19.96 -7.18
C PHE F 357 -33.99 20.36 -8.62
N LYS F 358 -35.10 20.94 -9.08
CA LYS F 358 -35.25 21.30 -10.48
C LYS F 358 -34.26 22.36 -10.92
N SER F 359 -33.83 23.19 -9.98
CA SER F 359 -32.84 24.23 -10.24
C SER F 359 -31.47 23.65 -10.59
N LEU F 360 -31.21 22.42 -10.17
CA LEU F 360 -30.00 21.70 -10.56
C LEU F 360 -30.23 20.76 -11.76
N GLY F 361 -31.35 20.94 -12.45
CA GLY F 361 -31.76 20.04 -13.54
C GLY F 361 -32.22 18.65 -13.11
N GLN F 362 -32.53 18.47 -11.84
CA GLN F 362 -32.91 17.16 -11.35
C GLN F 362 -34.40 17.06 -11.05
N THR F 363 -34.98 15.94 -11.43
CA THR F 363 -36.40 15.71 -11.26
C THR F 363 -36.56 14.58 -10.28
N ILE F 364 -36.98 14.90 -9.07
CA ILE F 364 -37.30 13.88 -8.05
C ILE F 364 -38.78 13.47 -8.06
N THR F 365 -39.02 12.18 -7.95
CA THR F 365 -40.36 11.62 -7.83
C THR F 365 -40.26 10.55 -6.76
N PRO F 366 -41.40 10.14 -6.16
CA PRO F 366 -41.35 9.15 -5.08
C PRO F 366 -41.20 7.76 -5.66
N ALA F 367 -40.53 6.86 -4.94
CA ALA F 367 -40.30 5.52 -5.46
C ALA F 367 -41.60 4.76 -5.76
N ASP F 368 -42.58 4.82 -4.86
CA ASP F 368 -43.90 4.25 -5.20
C ASP F 368 -44.69 5.23 -6.07
N LYS F 369 -44.70 4.96 -7.38
CA LYS F 369 -45.46 5.76 -8.35
C LYS F 369 -46.82 6.07 -7.71
N SER F 370 -47.31 5.05 -6.96
CA SER F 370 -48.56 5.08 -6.22
C SER F 370 -48.91 6.41 -5.53
N ASP F 371 -50.23 6.64 -5.51
CA ASP F 371 -50.90 7.74 -4.80
C ASP F 371 -50.14 9.08 -4.74
N LYS F 372 -49.26 9.27 -5.74
CA LYS F 372 -48.99 10.59 -6.26
C LYS F 372 -48.38 11.50 -5.19
N GLY F 373 -47.08 11.67 -5.28
CA GLY F 373 -46.40 12.64 -4.45
C GLY F 373 -45.95 12.05 -3.14
N PHE F 374 -44.99 12.73 -2.53
CA PHE F 374 -44.33 12.23 -1.34
C PHE F 374 -45.28 12.29 -0.17
N VAL F 375 -45.18 11.32 0.72
CA VAL F 375 -46.01 11.30 1.91
C VAL F 375 -45.14 11.07 3.13
N LEU F 376 -45.73 11.26 4.31
CA LEU F 376 -45.00 11.16 5.56
C LEU F 376 -45.32 9.83 6.20
N GLY F 377 -44.50 9.45 7.18
CA GLY F 377 -44.77 8.29 8.00
C GLY F 377 -44.26 6.96 7.47
N HIS F 378 -43.58 6.95 6.31
CA HIS F 378 -42.98 5.68 5.85
C HIS F 378 -41.79 5.27 6.73
N SER F 379 -41.58 3.96 6.81
CA SER F 379 -40.46 3.42 7.56
C SER F 379 -39.50 2.75 6.61
N ILE F 380 -38.39 2.30 7.17
CA ILE F 380 -37.31 1.67 6.42
C ILE F 380 -37.74 0.35 5.73
N THR F 381 -38.63 -0.39 6.37
CA THR F 381 -39.19 -1.61 5.84
C THR F 381 -40.18 -1.34 4.70
N ASP F 382 -40.39 -0.07 4.37
CA ASP F 382 -41.24 0.28 3.24
C ASP F 382 -40.43 0.55 1.99
N VAL F 383 -39.16 0.88 2.13
CA VAL F 383 -38.38 1.35 0.98
C VAL F 383 -37.46 0.33 0.30
N THR F 384 -36.95 0.72 -0.86
CA THR F 384 -35.96 -0.06 -1.61
C THR F 384 -34.66 0.73 -1.77
N PHE F 385 -33.55 0.01 -1.65
CA PHE F 385 -32.22 0.53 -1.90
C PHE F 385 -31.44 -0.60 -2.54
N LEU F 386 -30.63 -0.29 -3.55
CA LEU F 386 -29.92 -1.32 -4.34
C LEU F 386 -30.81 -2.50 -4.76
N LYS F 387 -32.02 -2.21 -5.21
CA LYS F 387 -33.04 -3.24 -5.53
C LYS F 387 -33.39 -4.20 -4.37
N ARG F 388 -33.03 -3.83 -3.16
CA ARG F 388 -33.32 -4.65 -1.99
C ARG F 388 -34.20 -3.94 -1.01
N HIS F 389 -35.14 -4.68 -0.44
CA HIS F 389 -35.91 -4.23 0.70
C HIS F 389 -35.15 -4.58 1.97
N PHE F 390 -35.57 -3.94 3.06
CA PHE F 390 -35.11 -4.27 4.38
C PHE F 390 -36.18 -5.11 5.04
N HIS F 391 -35.94 -6.40 5.14
CA HIS F 391 -36.84 -7.25 5.90
C HIS F 391 -36.11 -7.79 7.09
N MET F 392 -36.90 -8.18 8.07
CA MET F 392 -36.40 -8.73 9.30
C MET F 392 -36.25 -10.23 9.13
N ASP F 393 -35.07 -10.74 9.45
CA ASP F 393 -34.87 -12.16 9.55
C ASP F 393 -35.55 -12.75 10.78
N TYR F 394 -36.54 -13.58 10.53
CA TYR F 394 -37.29 -14.34 11.53
C TYR F 394 -36.48 -15.01 12.65
N GLY F 395 -35.19 -15.27 12.41
CA GLY F 395 -34.45 -16.20 13.24
C GLY F 395 -33.16 -15.70 13.84
N THR F 396 -32.66 -14.59 13.29
CA THR F 396 -31.52 -13.91 13.88
C THR F 396 -31.93 -12.55 14.44
N GLY F 397 -33.11 -12.07 14.02
CA GLY F 397 -33.60 -10.73 14.35
C GLY F 397 -33.03 -9.62 13.47
N PHE F 398 -31.96 -9.91 12.70
CA PHE F 398 -31.28 -8.92 11.85
C PHE F 398 -31.99 -8.60 10.54
N TYR F 399 -31.74 -7.40 9.98
CA TYR F 399 -32.25 -7.05 8.65
C TYR F 399 -31.54 -7.82 7.55
N LYS F 400 -32.31 -8.21 6.54
CA LYS F 400 -31.74 -8.87 5.40
C LYS F 400 -32.17 -8.21 4.09
N PRO F 401 -31.28 -8.18 3.08
CA PRO F 401 -31.60 -7.57 1.80
C PRO F 401 -32.47 -8.50 0.94
N VAL F 402 -33.74 -8.16 0.78
CA VAL F 402 -34.66 -9.00 0.06
C VAL F 402 -35.00 -8.40 -1.28
N MET F 403 -34.69 -9.13 -2.35
CA MET F 403 -35.02 -8.71 -3.71
C MET F 403 -36.43 -9.20 -4.06
N ALA F 404 -37.15 -8.39 -4.83
CA ALA F 404 -38.49 -8.73 -5.27
C ALA F 404 -38.44 -10.00 -6.10
N SER F 405 -39.44 -10.86 -5.93
CA SER F 405 -39.49 -12.14 -6.64
C SER F 405 -39.54 -11.99 -8.15
N LYS F 406 -40.22 -10.97 -8.65
CA LYS F 406 -40.24 -10.74 -10.08
C LYS F 406 -38.85 -10.42 -10.63
N THR F 407 -38.10 -9.61 -9.92
CA THR F 407 -36.74 -9.28 -10.27
C THR F 407 -35.93 -10.57 -10.39
N LEU F 408 -35.92 -11.36 -9.32
CA LEU F 408 -35.22 -12.62 -9.29
C LEU F 408 -35.58 -13.52 -10.47
N GLU F 409 -36.87 -13.53 -10.81
CA GLU F 409 -37.36 -14.35 -11.92
C GLU F 409 -36.85 -13.86 -13.23
N ALA F 410 -36.93 -12.55 -13.42
CA ALA F 410 -36.33 -11.93 -14.58
C ALA F 410 -34.84 -12.30 -14.69
N ILE F 411 -34.07 -12.15 -13.59
CA ILE F 411 -32.64 -12.46 -13.55
C ILE F 411 -32.31 -13.93 -13.86
N LEU F 412 -33.07 -14.86 -13.31
CA LEU F 412 -32.90 -16.28 -13.61
C LEU F 412 -33.32 -16.72 -15.02
N SER F 413 -34.04 -15.85 -15.73
CA SER F 413 -34.66 -16.22 -17.01
C SER F 413 -33.76 -16.12 -18.22
N PHE F 414 -32.60 -15.49 -18.06
CA PHE F 414 -31.66 -15.27 -19.15
C PHE F 414 -30.24 -15.46 -18.68
N ALA F 415 -29.37 -15.93 -19.57
CA ALA F 415 -27.93 -15.97 -19.30
C ALA F 415 -27.10 -16.11 -20.55
N ARG F 416 -25.82 -15.81 -20.38
CA ARG F 416 -24.84 -15.97 -21.43
C ARG F 416 -24.35 -17.39 -21.52
N ARG F 417 -24.22 -17.84 -22.75
CA ARG F 417 -23.72 -19.18 -23.04
C ARG F 417 -22.59 -19.64 -22.15
N GLY F 418 -22.71 -20.88 -21.65
CA GLY F 418 -21.69 -21.49 -20.80
C GLY F 418 -21.51 -20.89 -19.40
N THR F 419 -22.47 -20.05 -18.96
CA THR F 419 -22.36 -19.39 -17.65
C THR F 419 -23.46 -19.72 -16.65
N ILE F 420 -24.46 -20.48 -17.07
CA ILE F 420 -25.60 -20.75 -16.22
C ILE F 420 -25.21 -21.27 -14.81
N GLN F 421 -24.34 -22.26 -14.73
CA GLN F 421 -23.96 -22.85 -13.46
C GLN F 421 -23.43 -21.76 -12.52
N GLU F 422 -22.45 -21.01 -13.00
CA GLU F 422 -21.84 -19.96 -12.25
C GLU F 422 -22.90 -18.96 -11.81
N LYS F 423 -23.71 -18.50 -12.76
CA LYS F 423 -24.72 -17.48 -12.49
C LYS F 423 -25.75 -17.97 -11.45
N LEU F 424 -26.11 -19.25 -11.52
CA LEU F 424 -27.04 -19.82 -10.56
C LEU F 424 -26.51 -19.71 -9.12
N ILE F 425 -25.27 -20.14 -8.93
CA ILE F 425 -24.67 -20.13 -7.61
C ILE F 425 -24.62 -18.70 -7.08
N SER F 426 -24.34 -17.73 -7.94
CA SER F 426 -24.26 -16.35 -7.53
C SER F 426 -25.59 -15.86 -7.09
N VAL F 427 -26.61 -16.16 -7.91
CA VAL F 427 -27.94 -15.58 -7.71
C VAL F 427 -28.56 -16.21 -6.47
N ALA F 428 -28.14 -17.44 -6.20
CA ALA F 428 -28.55 -18.12 -4.98
C ALA F 428 -28.30 -17.25 -3.73
N GLY F 429 -27.09 -16.68 -3.62
CA GLY F 429 -26.78 -15.77 -2.51
C GLY F 429 -27.74 -14.59 -2.42
N LEU F 430 -28.32 -14.22 -3.56
CA LEU F 430 -29.34 -13.16 -3.60
C LEU F 430 -30.71 -13.67 -3.18
N ALA F 431 -31.04 -14.89 -3.55
CA ALA F 431 -32.38 -15.40 -3.35
C ALA F 431 -32.64 -15.95 -1.94
N VAL F 432 -31.56 -16.39 -1.25
CA VAL F 432 -31.67 -17.02 0.09
C VAL F 432 -32.54 -16.20 1.04
N HIS F 433 -32.35 -14.89 0.98
CA HIS F 433 -33.13 -13.94 1.74
C HIS F 433 -34.64 -13.93 1.50
N SER F 434 -35.09 -14.49 0.39
CA SER F 434 -36.52 -14.58 0.11
C SER F 434 -37.25 -15.69 0.91
N GLY F 435 -36.50 -16.51 1.65
CA GLY F 435 -37.08 -17.61 2.44
C GLY F 435 -37.08 -18.93 1.68
N PRO F 436 -37.21 -20.07 2.40
CA PRO F 436 -37.08 -21.44 1.87
C PRO F 436 -38.09 -21.83 0.79
N ASP F 437 -39.32 -21.37 0.87
CA ASP F 437 -40.29 -21.81 -0.10
C ASP F 437 -40.06 -21.10 -1.40
N GLU F 438 -39.94 -19.79 -1.31
CA GLU F 438 -39.68 -18.99 -2.47
C GLU F 438 -38.35 -19.37 -3.14
N TYR F 439 -37.34 -19.71 -2.33
CA TYR F 439 -36.06 -20.21 -2.85
C TYR F 439 -36.24 -21.52 -3.62
N ARG F 440 -37.05 -22.42 -3.06
CA ARG F 440 -37.38 -23.68 -3.69
C ARG F 440 -38.03 -23.42 -5.05
N ARG F 441 -38.94 -22.44 -5.09
CA ARG F 441 -39.76 -22.18 -6.27
C ARG F 441 -38.96 -21.58 -7.38
N LEU F 442 -38.19 -20.56 -7.07
CA LEU F 442 -37.37 -19.91 -8.07
C LEU F 442 -36.42 -20.89 -8.75
N PHE F 443 -35.93 -21.87 -8.00
CA PHE F 443 -34.92 -22.74 -8.54
C PHE F 443 -35.47 -24.04 -9.12
N GLU F 444 -36.77 -24.25 -8.92
CA GLU F 444 -37.47 -25.42 -9.41
C GLU F 444 -37.18 -25.76 -10.88
N PRO F 445 -37.17 -24.75 -11.77
CA PRO F 445 -36.94 -25.10 -13.17
C PRO F 445 -35.52 -25.57 -13.46
N PHE F 446 -34.62 -25.46 -12.49
CA PHE F 446 -33.25 -25.91 -12.71
C PHE F 446 -32.94 -27.27 -12.07
N GLN F 447 -33.88 -27.78 -11.29
CA GLN F 447 -33.72 -29.09 -10.65
C GLN F 447 -33.34 -30.16 -11.64
N GLY F 448 -32.20 -30.80 -11.41
CA GLY F 448 -31.76 -31.96 -12.20
C GLY F 448 -30.81 -31.68 -13.34
N LEU F 449 -30.57 -30.40 -13.62
CA LEU F 449 -29.77 -29.99 -14.79
C LEU F 449 -28.55 -29.22 -14.36
N PHE F 450 -28.68 -28.56 -13.21
CA PHE F 450 -27.59 -27.80 -12.65
C PHE F 450 -27.56 -28.03 -11.14
N GLU F 451 -26.43 -27.75 -10.54
CA GLU F 451 -26.28 -27.82 -9.10
C GLU F 451 -26.92 -26.60 -8.43
N ILE F 452 -27.88 -26.85 -7.55
CA ILE F 452 -28.51 -25.79 -6.76
C ILE F 452 -28.04 -25.86 -5.31
N PRO F 453 -27.36 -24.81 -4.82
CA PRO F 453 -26.97 -24.86 -3.41
C PRO F 453 -28.21 -24.97 -2.55
N SER F 454 -28.10 -25.71 -1.44
CA SER F 454 -29.22 -25.85 -0.52
C SER F 454 -29.49 -24.50 0.12
N TYR F 455 -30.76 -24.25 0.45
CA TYR F 455 -31.16 -23.10 1.23
C TYR F 455 -30.36 -23.01 2.54
N ARG F 456 -30.35 -24.12 3.27
CA ARG F 456 -29.70 -24.21 4.56
C ARG F 456 -28.26 -23.77 4.52
N SER F 457 -27.50 -24.35 3.59
CA SER F 457 -26.08 -23.98 3.41
C SER F 457 -25.89 -22.51 3.20
N LEU F 458 -26.75 -21.87 2.41
CA LEU F 458 -26.60 -20.41 2.14
C LEU F 458 -27.10 -19.54 3.27
N TYR F 459 -28.10 -20.04 4.01
CA TYR F 459 -28.54 -19.37 5.23
C TYR F 459 -27.44 -19.32 6.28
N LEU F 460 -26.80 -20.46 6.50
CA LEU F 460 -25.71 -20.56 7.44
C LEU F 460 -24.56 -19.73 7.01
N ARG F 461 -24.31 -19.65 5.72
CA ARG F 461 -23.24 -18.82 5.27
C ARG F 461 -23.57 -17.38 5.69
N TRP F 462 -24.80 -16.97 5.39
CA TRP F 462 -25.17 -15.61 5.66
C TRP F 462 -25.05 -15.25 7.14
N VAL F 463 -25.72 -16.00 8.02
CA VAL F 463 -25.56 -15.83 9.49
C VAL F 463 -24.10 -15.63 9.93
N ASN F 464 -23.21 -16.53 9.56
CA ASN F 464 -21.82 -16.32 9.91
C ASN F 464 -21.28 -14.99 9.40
N ALA F 465 -21.77 -14.51 8.26
CA ALA F 465 -21.22 -13.29 7.66
C ALA F 465 -21.71 -12.06 8.43
N VAL F 466 -22.99 -12.09 8.84
CA VAL F 466 -23.65 -10.92 9.36
C VAL F 466 -23.33 -10.74 10.84
N CYS F 467 -23.00 -11.84 11.51
CA CYS F 467 -22.65 -11.83 12.93
C CYS F 467 -21.99 -13.14 13.38
N GLY F 468 -20.67 -13.32 13.17
CA GLY F 468 -19.96 -14.60 13.60
C GLY F 468 -20.37 -15.17 14.98
N ASP F 469 -20.84 -14.26 15.85
CA ASP F 469 -21.18 -14.52 17.24
C ASP F 469 -22.54 -15.21 17.37
N ALA F 470 -23.49 -14.83 16.49
CA ALA F 470 -24.79 -15.53 16.41
C ALA F 470 -24.67 -16.90 15.70
N ALA F 471 -23.59 -17.13 14.97
CA ALA F 471 -23.31 -18.51 14.53
C ALA F 471 -22.89 -19.26 15.79
N ALA F 472 -21.77 -18.81 16.36
CA ALA F 472 -21.06 -19.47 17.45
C ALA F 472 -22.00 -19.89 18.54
N LEU F 473 -22.54 -18.93 19.26
CA LEU F 473 -23.18 -19.26 20.55
C LEU F 473 -24.69 -19.14 20.39
N GLU F 474 -25.12 -19.47 19.17
CA GLU F 474 -26.45 -20.02 18.94
C GLU F 474 -26.24 -21.48 18.49
#